data_3NQS
#
_entry.id   3NQS
#
_cell.length_a   214.114
_cell.length_b   214.114
_cell.length_c   116.542
_cell.angle_alpha   90.00
_cell.angle_beta   90.00
_cell.angle_gamma   120.00
#
_symmetry.space_group_name_H-M   'P 61 2 2'
#
loop_
_entity.id
_entity.type
_entity.pdbx_description
1 polymer 'Nitric oxide synthase, inducible'
2 non-polymer 'PROTOPORPHYRIN IX CONTAINING FE'
3 non-polymer 5,6,7,8-TETRAHYDROBIOPTERIN
4 non-polymer 'NITRIC OXIDE'
5 non-polymer 'ETHYL 4-[(4-METHYLPYRIDIN-2-YL)AMINO]PIPERIDINE-1-CARBOXYLATE'
6 non-polymer GLYCEROL
7 non-polymer 1,2-ETHANEDIOL
8 non-polymer 'SULFATE ION'
9 non-polymer 'octyl beta-D-glucopyranoside'
10 water water
#
_entity_poly.entity_id   1
_entity_poly.type   'polypeptide(L)'
_entity_poly.pdbx_seq_one_letter_code
;LDKLHVTSTRPQYVRIKNWGSGEILHDTLHHKATSDFTCKSKSCLGSIMNPKSLTRGPRDKPTPLEELLPHAIEFINQYY
GSFKEAKIEEHLARLEAVTKEIETTGTYQLTLDELIFATKMAWRNAPRCIGRIQWSNLQVFDARNCSTAQEMFQHICRHI
LYATNNGNIRSAITVFPQRSDGKHDFRLWNSQLIRYAGYQMPDGTIRGDAATLEFTQLCIDLGWKPRYGRFDVLPLVLQA
DGQDPEVFEIPPDLVLEVTMEHPKYEWFQELGLKWYALPAVANMLLEVGGLEFPACPFNGWYMGTEIGVRDFCDTQRYNI
LEEVGRRMGLETHTLASLWKDRAVTEINVAVLHSFQKQNVTIMDHHTASESFMKHMQNEYRARGGCPADWIWLVPPVSGS
ITPVFHQEMLNYVLSPFYYYQIEPWKTHIWQNE
;
_entity_poly.pdbx_strand_id   A,B
#
loop_
_chem_comp.id
_chem_comp.type
_chem_comp.name
_chem_comp.formula
AT2 non-polymer 'ETHYL 4-[(4-METHYLPYRIDIN-2-YL)AMINO]PIPERIDINE-1-CARBOXYLATE' 'C14 H21 N3 O2'
BOG D-saccharide 'octyl beta-D-glucopyranoside' 'C14 H28 O6'
EDO non-polymer 1,2-ETHANEDIOL 'C2 H6 O2'
GOL non-polymer GLYCEROL 'C3 H8 O3'
H4B non-polymer 5,6,7,8-TETRAHYDROBIOPTERIN 'C9 H15 N5 O3'
HEM non-polymer 'PROTOPORPHYRIN IX CONTAINING FE' 'C34 H32 Fe N4 O4'
NO non-polymer 'NITRIC OXIDE' 'N O'
SO4 non-polymer 'SULFATE ION' 'O4 S -2'
#
# COMPACT_ATOMS: atom_id res chain seq x y z
N GLN A 12 -17.97 -8.17 -53.64
CA GLN A 12 -18.63 -6.89 -53.85
C GLN A 12 -19.26 -6.37 -52.56
N TYR A 13 -20.13 -7.20 -51.95
CA TYR A 13 -20.80 -6.82 -50.71
C TYR A 13 -21.13 -8.07 -49.88
N VAL A 14 -21.38 -7.87 -48.59
CA VAL A 14 -21.74 -8.97 -47.71
C VAL A 14 -23.23 -8.86 -47.43
N ARG A 15 -23.94 -9.96 -47.64
CA ARG A 15 -25.38 -10.01 -47.43
C ARG A 15 -25.70 -10.20 -45.94
N ILE A 16 -26.62 -9.38 -45.44
CA ILE A 16 -27.03 -9.41 -44.03
C ILE A 16 -28.55 -9.52 -43.94
N LYS A 17 -29.03 -10.42 -43.08
CA LYS A 17 -30.47 -10.63 -42.92
C LYS A 17 -31.02 -10.47 -41.51
N ASN A 18 -32.24 -9.93 -41.43
CA ASN A 18 -32.96 -9.75 -40.18
C ASN A 18 -33.97 -10.91 -40.18
N TRP A 19 -33.77 -11.89 -39.29
CA TRP A 19 -34.64 -13.05 -39.23
C TRP A 19 -36.01 -12.83 -38.59
N GLY A 20 -36.36 -11.58 -38.36
CA GLY A 20 -37.65 -11.25 -37.79
C GLY A 20 -38.56 -10.67 -38.86
N SER A 21 -38.04 -9.69 -39.59
CA SER A 21 -38.79 -9.03 -40.65
C SER A 21 -38.41 -9.56 -42.04
N GLY A 22 -37.36 -10.37 -42.10
CA GLY A 22 -36.92 -10.91 -43.38
C GLY A 22 -36.14 -9.92 -44.23
N GLU A 23 -36.03 -8.67 -43.77
CA GLU A 23 -35.30 -7.62 -44.50
C GLU A 23 -33.85 -7.99 -44.76
N ILE A 24 -33.38 -7.64 -45.96
CA ILE A 24 -32.00 -7.91 -46.35
C ILE A 24 -31.25 -6.59 -46.52
N LEU A 25 -29.96 -6.61 -46.20
CA LEU A 25 -29.10 -5.45 -46.34
C LEU A 25 -27.76 -5.87 -46.95
N HIS A 26 -27.14 -4.94 -47.67
CA HIS A 26 -25.86 -5.20 -48.31
C HIS A 26 -24.77 -4.36 -47.67
N ASP A 27 -23.76 -5.02 -47.11
CA ASP A 27 -22.67 -4.31 -46.47
C ASP A 27 -21.45 -4.16 -47.38
N THR A 28 -21.12 -2.90 -47.68
CA THR A 28 -19.96 -2.58 -48.52
C THR A 28 -18.93 -1.84 -47.68
N LEU A 29 -19.39 -1.20 -46.61
CA LEU A 29 -18.52 -0.42 -45.72
C LEU A 29 -17.36 -1.21 -45.09
N HIS A 30 -17.53 -2.52 -44.92
CA HIS A 30 -16.50 -3.35 -44.32
C HIS A 30 -15.20 -3.35 -45.15
N HIS A 31 -15.28 -2.88 -46.39
CA HIS A 31 -14.09 -2.83 -47.26
C HIS A 31 -13.10 -1.78 -46.75
N LYS A 32 -13.62 -0.76 -46.08
CA LYS A 32 -12.79 0.31 -45.54
C LYS A 32 -12.21 -0.04 -44.17
N ALA A 33 -12.35 -1.30 -43.77
CA ALA A 33 -11.83 -1.77 -42.49
C ALA A 33 -10.30 -1.78 -42.48
N THR A 34 -9.72 -1.75 -41.29
CA THR A 34 -8.26 -1.74 -41.14
C THR A 34 -7.70 -3.17 -41.18
N CYS A 44 -12.12 -18.24 -34.00
CA CYS A 44 -13.17 -17.23 -33.88
C CYS A 44 -13.26 -16.71 -32.44
N LEU A 45 -12.65 -15.55 -32.22
CA LEU A 45 -12.65 -14.90 -30.92
C LEU A 45 -13.75 -13.83 -30.84
N GLY A 46 -15.00 -14.26 -31.06
CA GLY A 46 -16.13 -13.35 -31.03
C GLY A 46 -16.56 -12.85 -29.67
N SER A 47 -16.59 -13.74 -28.68
CA SER A 47 -17.00 -13.35 -27.33
C SER A 47 -15.86 -12.88 -26.42
N ILE A 48 -14.73 -12.52 -27.01
CA ILE A 48 -13.60 -12.04 -26.22
C ILE A 48 -13.81 -10.58 -25.85
N MET A 49 -13.70 -10.29 -24.57
CA MET A 49 -13.90 -8.94 -24.05
C MET A 49 -12.89 -7.90 -24.53
N ASN A 50 -11.61 -8.20 -24.32
CA ASN A 50 -10.54 -7.27 -24.72
C ASN A 50 -9.55 -7.88 -25.70
N PRO A 51 -9.97 -8.08 -26.96
CA PRO A 51 -9.04 -8.65 -27.96
C PRO A 51 -8.04 -7.58 -28.41
N LYS A 52 -6.88 -8.04 -28.90
CA LYS A 52 -5.83 -7.13 -29.37
C LYS A 52 -6.29 -6.23 -30.50
N SER A 53 -7.22 -6.73 -31.33
CA SER A 53 -7.75 -5.96 -32.44
C SER A 53 -8.50 -4.70 -32.01
N LEU A 54 -8.94 -4.66 -30.75
CA LEU A 54 -9.67 -3.50 -30.23
C LEU A 54 -8.80 -2.70 -29.25
N THR A 55 -7.53 -3.07 -29.15
CA THR A 55 -6.59 -2.42 -28.24
C THR A 55 -5.46 -1.71 -28.98
N ARG A 56 -5.16 -0.49 -28.55
CA ARG A 56 -4.08 0.29 -29.12
C ARG A 56 -3.13 0.61 -27.97
N GLY A 57 -2.02 -0.13 -27.93
CA GLY A 57 -1.03 0.00 -26.86
C GLY A 57 -0.10 1.20 -26.86
N PRO A 58 0.88 1.22 -25.95
CA PRO A 58 1.84 2.30 -25.80
C PRO A 58 2.99 2.27 -26.80
N ARG A 59 3.80 3.34 -26.81
CA ARG A 59 4.95 3.46 -27.69
C ARG A 59 6.03 4.27 -26.99
N ASP A 60 7.27 4.16 -27.48
CA ASP A 60 8.39 4.92 -26.91
C ASP A 60 9.07 5.77 -27.98
N LYS A 61 8.46 5.82 -29.15
CA LYS A 61 8.97 6.58 -30.28
C LYS A 61 7.80 7.12 -31.09
N PRO A 62 8.00 8.26 -31.79
CA PRO A 62 6.95 8.87 -32.60
C PRO A 62 6.51 7.95 -33.74
N THR A 63 5.31 8.17 -34.26
CA THR A 63 4.79 7.37 -35.36
C THR A 63 5.65 7.59 -36.60
N PRO A 64 6.17 6.49 -37.21
CA PRO A 64 6.99 6.60 -38.41
C PRO A 64 6.26 7.39 -39.48
N LEU A 65 6.96 8.36 -40.09
CA LEU A 65 6.37 9.23 -41.10
C LEU A 65 5.74 8.51 -42.27
N GLU A 66 6.35 7.38 -42.68
CA GLU A 66 5.83 6.62 -43.80
C GLU A 66 4.44 6.05 -43.48
N GLU A 67 4.15 5.88 -42.20
CA GLU A 67 2.87 5.37 -41.76
C GLU A 67 1.90 6.53 -41.51
N LEU A 68 2.41 7.58 -40.86
CA LEU A 68 1.61 8.76 -40.53
C LEU A 68 1.00 9.49 -41.71
N LEU A 69 1.83 9.92 -42.66
CA LEU A 69 1.36 10.66 -43.82
C LEU A 69 0.18 10.03 -44.57
N PRO A 70 0.28 8.74 -44.92
CA PRO A 70 -0.82 8.09 -45.64
C PRO A 70 -2.14 8.17 -44.87
N HIS A 71 -2.07 7.90 -43.56
CA HIS A 71 -3.25 7.96 -42.70
C HIS A 71 -3.79 9.38 -42.62
N ALA A 72 -2.87 10.35 -42.54
CA ALA A 72 -3.25 11.76 -42.45
C ALA A 72 -4.00 12.19 -43.71
N ILE A 73 -3.45 11.82 -44.87
CA ILE A 73 -4.05 12.16 -46.16
C ILE A 73 -5.47 11.57 -46.25
N GLU A 74 -5.58 10.30 -45.88
CA GLU A 74 -6.85 9.58 -45.91
C GLU A 74 -7.92 10.29 -45.09
N PHE A 75 -7.58 10.67 -43.85
CA PHE A 75 -8.52 11.37 -42.98
C PHE A 75 -8.93 12.73 -43.57
N ILE A 76 -7.95 13.49 -44.06
CA ILE A 76 -8.25 14.79 -44.64
C ILE A 76 -9.21 14.65 -45.82
N ASN A 77 -9.04 13.58 -46.60
CA ASN A 77 -9.92 13.32 -47.74
C ASN A 77 -11.31 12.98 -47.24
N GLN A 78 -11.37 12.20 -46.15
CA GLN A 78 -12.64 11.80 -45.56
C GLN A 78 -13.39 13.02 -45.02
N TYR A 79 -12.67 13.90 -44.34
CA TYR A 79 -13.24 15.10 -43.77
C TYR A 79 -13.85 16.01 -44.83
N TYR A 80 -13.05 16.39 -45.83
CA TYR A 80 -13.54 17.25 -46.91
C TYR A 80 -14.58 16.57 -47.77
N GLY A 81 -14.54 15.24 -47.79
CA GLY A 81 -15.50 14.48 -48.58
C GLY A 81 -16.86 14.37 -47.92
N SER A 82 -16.96 14.81 -46.67
CA SER A 82 -18.21 14.73 -45.93
C SER A 82 -19.13 15.93 -46.12
N PHE A 83 -18.63 16.98 -46.77
CA PHE A 83 -19.43 18.18 -47.01
C PHE A 83 -20.46 17.97 -48.11
N LYS A 84 -21.62 18.62 -47.96
CA LYS A 84 -22.69 18.52 -48.95
C LYS A 84 -22.19 19.15 -50.25
N GLU A 85 -21.74 20.40 -50.15
CA GLU A 85 -21.20 21.12 -51.28
C GLU A 85 -19.69 21.20 -51.08
N ALA A 86 -18.95 20.46 -51.91
CA ALA A 86 -17.51 20.39 -51.84
C ALA A 86 -16.77 21.72 -51.90
N LYS A 87 -15.60 21.75 -51.24
CA LYS A 87 -14.75 22.94 -51.20
C LYS A 87 -13.35 22.47 -51.61
N ILE A 88 -13.22 22.20 -52.92
CA ILE A 88 -11.99 21.71 -53.52
C ILE A 88 -10.72 22.47 -53.18
N GLU A 89 -10.74 23.79 -53.28
CA GLU A 89 -9.55 24.57 -52.98
C GLU A 89 -9.04 24.39 -51.56
N GLU A 90 -9.96 24.45 -50.58
CA GLU A 90 -9.60 24.28 -49.19
C GLU A 90 -9.05 22.88 -48.96
N HIS A 91 -9.64 21.91 -49.65
CA HIS A 91 -9.22 20.51 -49.57
C HIS A 91 -7.76 20.38 -49.97
N LEU A 92 -7.40 20.90 -51.15
CA LEU A 92 -6.03 20.84 -51.65
C LEU A 92 -5.08 21.58 -50.71
N ALA A 93 -5.47 22.78 -50.30
CA ALA A 93 -4.66 23.59 -49.40
C ALA A 93 -4.38 22.87 -48.08
N ARG A 94 -5.41 22.22 -47.53
CA ARG A 94 -5.25 21.48 -46.28
C ARG A 94 -4.32 20.28 -46.48
N LEU A 95 -4.50 19.56 -47.58
CA LEU A 95 -3.66 18.41 -47.87
C LEU A 95 -2.19 18.83 -47.93
N GLU A 96 -1.95 19.96 -48.57
CA GLU A 96 -0.60 20.51 -48.70
C GLU A 96 -0.06 20.95 -47.35
N ALA A 97 -0.87 21.70 -46.62
CA ALA A 97 -0.48 22.20 -45.30
C ALA A 97 -0.15 21.09 -44.31
N VAL A 98 -0.95 20.01 -44.33
CA VAL A 98 -0.73 18.88 -43.44
C VAL A 98 0.60 18.19 -43.74
N THR A 99 0.86 17.95 -45.02
CA THR A 99 2.10 17.32 -45.46
C THR A 99 3.31 18.12 -44.97
N LYS A 100 3.27 19.44 -45.20
CA LYS A 100 4.36 20.32 -44.79
C LYS A 100 4.58 20.29 -43.29
N GLU A 101 3.48 20.26 -42.55
CA GLU A 101 3.55 20.22 -41.10
C GLU A 101 4.19 18.93 -40.63
N ILE A 102 3.88 17.83 -41.32
CA ILE A 102 4.44 16.52 -40.97
C ILE A 102 5.95 16.51 -41.27
N GLU A 103 6.32 17.09 -42.41
CA GLU A 103 7.73 17.14 -42.78
C GLU A 103 8.55 18.05 -41.84
N THR A 104 7.98 19.19 -41.48
CA THR A 104 8.67 20.15 -40.61
C THR A 104 8.60 19.90 -39.11
N THR A 105 7.57 19.17 -38.64
CA THR A 105 7.43 18.90 -37.21
C THR A 105 7.39 17.43 -36.83
N GLY A 106 7.13 16.57 -37.81
CA GLY A 106 7.07 15.14 -37.54
C GLY A 106 5.68 14.67 -37.13
N THR A 107 4.73 15.58 -37.16
CA THR A 107 3.34 15.29 -36.80
C THR A 107 2.48 16.46 -37.29
N TYR A 108 1.26 16.55 -36.81
CA TYR A 108 0.39 17.65 -37.19
C TYR A 108 -0.76 17.83 -36.21
N GLN A 109 -1.35 19.02 -36.25
CA GLN A 109 -2.47 19.36 -35.39
C GLN A 109 -3.74 19.42 -36.21
N LEU A 110 -4.79 18.79 -35.69
CA LEU A 110 -6.09 18.79 -36.37
C LEU A 110 -6.76 20.14 -36.10
N THR A 111 -7.52 20.63 -37.07
CA THR A 111 -8.23 21.88 -36.85
C THR A 111 -9.37 21.48 -35.91
N LEU A 112 -9.97 22.45 -35.22
CA LEU A 112 -11.06 22.15 -34.30
C LEU A 112 -12.21 21.42 -35.01
N ASP A 113 -12.55 21.86 -36.22
CA ASP A 113 -13.61 21.23 -37.00
C ASP A 113 -13.28 19.79 -37.34
N GLU A 114 -12.01 19.53 -37.65
CA GLU A 114 -11.57 18.18 -37.97
C GLU A 114 -11.69 17.28 -36.75
N LEU A 115 -11.31 17.82 -35.59
CA LEU A 115 -11.36 17.08 -34.34
C LEU A 115 -12.81 16.74 -34.00
N ILE A 116 -13.68 17.74 -34.13
CA ILE A 116 -15.11 17.55 -33.86
C ILE A 116 -15.65 16.44 -34.75
N PHE A 117 -15.34 16.53 -36.04
CA PHE A 117 -15.76 15.54 -37.02
C PHE A 117 -15.24 14.15 -36.64
N ALA A 118 -13.98 14.09 -36.21
CA ALA A 118 -13.34 12.83 -35.83
C ALA A 118 -13.98 12.15 -34.62
N THR A 119 -14.32 12.94 -33.59
CA THR A 119 -14.93 12.39 -32.38
C THR A 119 -16.30 11.79 -32.69
N LYS A 120 -17.07 12.47 -33.54
CA LYS A 120 -18.40 11.99 -33.92
C LYS A 120 -18.30 10.74 -34.80
N MET A 121 -17.33 10.73 -35.72
CA MET A 121 -17.13 9.57 -36.59
C MET A 121 -16.67 8.36 -35.78
N ALA A 122 -15.77 8.59 -34.82
CA ALA A 122 -15.30 7.50 -33.97
C ALA A 122 -16.47 6.90 -33.19
N TRP A 123 -17.38 7.75 -32.71
CA TRP A 123 -18.58 7.32 -31.98
C TRP A 123 -19.42 6.51 -32.97
N ARG A 124 -19.62 7.09 -34.14
CA ARG A 124 -20.39 6.47 -35.22
C ARG A 124 -19.80 5.09 -35.57
N ASN A 125 -18.48 4.96 -35.43
CA ASN A 125 -17.78 3.71 -35.74
C ASN A 125 -17.60 2.78 -34.53
N ALA A 126 -18.23 3.09 -33.40
CA ALA A 126 -18.11 2.24 -32.21
C ALA A 126 -19.10 1.06 -32.32
N PRO A 127 -18.58 -0.14 -32.61
CA PRO A 127 -19.43 -1.35 -32.77
C PRO A 127 -20.18 -1.78 -31.53
N ARG A 128 -19.67 -1.42 -30.36
CA ARG A 128 -20.30 -1.82 -29.11
C ARG A 128 -21.27 -0.82 -28.50
N CYS A 129 -21.56 0.27 -29.22
CA CYS A 129 -22.48 1.30 -28.73
C CYS A 129 -23.90 1.25 -29.34
N ILE A 130 -24.89 1.07 -28.48
CA ILE A 130 -26.29 1.00 -28.91
C ILE A 130 -26.93 2.38 -29.06
N GLY A 131 -26.26 3.41 -28.55
CA GLY A 131 -26.81 4.76 -28.60
C GLY A 131 -26.38 5.61 -29.76
N ARG A 132 -25.77 4.98 -30.76
CA ARG A 132 -25.26 5.71 -31.92
C ARG A 132 -26.20 6.55 -32.77
N ILE A 133 -27.51 6.50 -32.53
CA ILE A 133 -28.41 7.34 -33.31
C ILE A 133 -28.15 8.81 -32.94
N GLN A 134 -27.61 9.01 -31.74
CA GLN A 134 -27.28 10.34 -31.23
C GLN A 134 -25.90 10.86 -31.65
N TRP A 135 -25.19 10.11 -32.50
CA TRP A 135 -23.83 10.45 -32.92
C TRP A 135 -23.51 11.87 -33.37
N SER A 136 -24.48 12.57 -33.96
CA SER A 136 -24.22 13.92 -34.43
C SER A 136 -24.41 14.97 -33.32
N ASN A 137 -24.94 14.54 -32.19
CA ASN A 137 -25.17 15.44 -31.07
C ASN A 137 -24.09 15.19 -30.01
N LEU A 138 -22.97 15.92 -30.13
CA LEU A 138 -21.86 15.75 -29.20
C LEU A 138 -21.09 17.04 -28.94
N GLN A 139 -21.00 17.43 -27.66
CA GLN A 139 -20.25 18.62 -27.28
C GLN A 139 -18.77 18.24 -27.17
N VAL A 140 -17.92 18.99 -27.83
CA VAL A 140 -16.48 18.71 -27.80
C VAL A 140 -15.68 19.77 -27.04
N PHE A 141 -14.95 19.33 -26.02
CA PHE A 141 -14.13 20.24 -25.23
C PHE A 141 -12.68 20.05 -25.65
N ASP A 142 -12.12 21.08 -26.27
CA ASP A 142 -10.73 21.04 -26.73
C ASP A 142 -9.75 21.38 -25.60
N ALA A 143 -9.13 20.35 -25.04
CA ALA A 143 -8.15 20.53 -23.97
C ALA A 143 -6.76 20.11 -24.45
N ARG A 144 -6.51 20.25 -25.74
CA ARG A 144 -5.23 19.87 -26.34
C ARG A 144 -4.04 20.74 -25.86
N ASN A 145 -4.34 21.89 -25.27
CA ASN A 145 -3.31 22.78 -24.75
C ASN A 145 -2.99 22.52 -23.28
N CYS A 146 -3.66 21.52 -22.71
CA CYS A 146 -3.47 21.16 -21.31
C CYS A 146 -2.03 20.72 -21.05
N SER A 147 -1.51 20.97 -19.84
CA SER A 147 -0.15 20.58 -19.53
C SER A 147 0.09 19.98 -18.15
N THR A 148 -0.79 20.28 -17.20
CA THR A 148 -0.62 19.73 -15.84
C THR A 148 -1.82 18.90 -15.40
N ALA A 149 -1.60 18.10 -14.35
CA ALA A 149 -2.65 17.25 -13.80
C ALA A 149 -3.78 18.11 -13.24
N GLN A 150 -3.41 19.21 -12.60
CA GLN A 150 -4.38 20.14 -12.01
C GLN A 150 -5.30 20.68 -13.12
N GLU A 151 -4.70 21.00 -14.26
CA GLU A 151 -5.47 21.51 -15.39
C GLU A 151 -6.40 20.43 -15.93
N MET A 152 -5.94 19.17 -15.90
CA MET A 152 -6.74 18.04 -16.37
C MET A 152 -7.98 17.95 -15.49
N PHE A 153 -7.75 18.00 -14.19
CA PHE A 153 -8.80 17.94 -13.17
C PHE A 153 -9.85 19.01 -13.42
N GLN A 154 -9.40 20.24 -13.67
CA GLN A 154 -10.31 21.34 -13.95
C GLN A 154 -11.14 21.10 -15.20
N HIS A 155 -10.53 20.54 -16.24
CA HIS A 155 -11.23 20.24 -17.48
C HIS A 155 -12.28 19.16 -17.24
N ILE A 156 -11.90 18.15 -16.47
CA ILE A 156 -12.79 17.05 -16.14
C ILE A 156 -13.98 17.53 -15.32
N CYS A 157 -13.74 18.41 -14.34
CA CYS A 157 -14.83 18.95 -13.51
C CYS A 157 -15.79 19.75 -14.38
N ARG A 158 -15.23 20.48 -15.34
CA ARG A 158 -16.03 21.28 -16.25
C ARG A 158 -16.90 20.35 -17.11
N HIS A 159 -16.32 19.23 -17.53
CA HIS A 159 -17.02 18.24 -18.35
C HIS A 159 -18.18 17.65 -17.57
N ILE A 160 -17.89 17.16 -16.37
CA ILE A 160 -18.90 16.56 -15.49
C ILE A 160 -20.07 17.52 -15.28
N LEU A 161 -19.76 18.78 -14.99
CA LEU A 161 -20.79 19.79 -14.76
C LEU A 161 -21.65 20.00 -16.01
N TYR A 162 -21.00 20.20 -17.16
CA TYR A 162 -21.71 20.39 -18.41
C TYR A 162 -22.61 19.21 -18.77
N ALA A 163 -22.03 18.01 -18.72
CA ALA A 163 -22.74 16.77 -19.05
C ALA A 163 -23.93 16.48 -18.15
N THR A 164 -23.73 16.66 -16.84
CA THR A 164 -24.78 16.39 -15.87
C THR A 164 -25.98 17.27 -16.08
N ASN A 165 -25.72 18.56 -16.30
CA ASN A 165 -26.75 19.55 -16.58
C ASN A 165 -28.01 19.41 -15.71
N ASN A 166 -27.80 19.24 -14.41
CA ASN A 166 -28.91 19.12 -13.44
C ASN A 166 -29.93 18.00 -13.75
N GLY A 167 -29.43 16.91 -14.31
CA GLY A 167 -30.29 15.78 -14.64
C GLY A 167 -30.60 15.63 -16.13
N ASN A 168 -30.60 16.73 -16.86
CA ASN A 168 -30.87 16.71 -18.30
C ASN A 168 -29.52 16.41 -18.99
N ILE A 169 -29.11 15.16 -18.90
CA ILE A 169 -27.83 14.69 -19.44
C ILE A 169 -27.53 15.09 -20.89
N ARG A 170 -26.29 15.55 -21.09
CA ARG A 170 -25.81 15.95 -22.40
C ARG A 170 -24.52 15.20 -22.73
N SER A 171 -24.43 14.69 -23.96
CA SER A 171 -23.26 13.94 -24.40
C SER A 171 -22.08 14.89 -24.65
N ALA A 172 -20.91 14.51 -24.15
CA ALA A 172 -19.71 15.34 -24.33
C ALA A 172 -18.44 14.53 -24.31
N ILE A 173 -17.37 15.13 -24.82
CA ILE A 173 -16.08 14.49 -24.85
C ILE A 173 -15.01 15.56 -24.65
N THR A 174 -14.01 15.25 -23.83
CA THR A 174 -12.93 16.20 -23.59
C THR A 174 -11.66 15.60 -24.19
N VAL A 175 -11.09 16.31 -25.16
CA VAL A 175 -9.89 15.84 -25.83
C VAL A 175 -8.61 16.45 -25.28
N PHE A 176 -7.78 15.61 -24.69
CA PHE A 176 -6.50 16.04 -24.13
C PHE A 176 -5.40 15.96 -25.21
N PRO A 177 -4.19 16.44 -24.92
CA PRO A 177 -3.08 16.41 -25.90
C PRO A 177 -2.79 15.02 -26.50
N GLN A 178 -2.59 15.01 -27.81
CA GLN A 178 -2.29 13.77 -28.54
C GLN A 178 -0.93 13.22 -28.13
N ARG A 179 -0.75 11.92 -28.32
CA ARG A 179 0.50 11.25 -28.01
C ARG A 179 1.61 11.80 -28.91
N SER A 180 2.73 12.15 -28.31
CA SER A 180 3.86 12.66 -29.08
C SER A 180 4.84 11.52 -29.36
N ASP A 181 5.70 11.22 -28.39
CA ASP A 181 6.67 10.14 -28.54
C ASP A 181 6.26 8.91 -27.74
N GLY A 182 5.14 9.02 -27.04
CA GLY A 182 4.67 7.91 -26.23
C GLY A 182 5.22 7.91 -24.82
N LYS A 183 6.13 8.84 -24.54
CA LYS A 183 6.73 8.94 -23.21
C LYS A 183 6.09 10.07 -22.40
N HIS A 184 5.24 10.86 -23.06
CA HIS A 184 4.54 11.98 -22.42
C HIS A 184 3.02 11.88 -22.56
N ASP A 185 2.51 10.66 -22.39
CA ASP A 185 1.07 10.40 -22.52
C ASP A 185 0.18 10.98 -21.41
N PHE A 186 -0.94 11.55 -21.82
CA PHE A 186 -1.93 12.04 -20.88
C PHE A 186 -2.86 10.83 -20.72
N ARG A 187 -3.13 10.43 -19.48
CA ARG A 187 -3.98 9.27 -19.22
C ARG A 187 -4.82 9.42 -17.96
N LEU A 188 -6.05 8.91 -18.02
CA LEU A 188 -6.91 8.90 -16.84
C LEU A 188 -6.83 7.43 -16.45
N TRP A 189 -6.36 7.15 -15.24
CA TRP A 189 -6.23 5.78 -14.80
C TRP A 189 -7.57 5.12 -14.50
N ASN A 190 -8.58 5.94 -14.21
CA ASN A 190 -9.93 5.43 -13.91
C ASN A 190 -10.58 4.85 -15.18
N SER A 191 -11.43 3.84 -14.98
CA SER A 191 -12.15 3.25 -16.10
C SER A 191 -13.28 4.20 -16.48
N GLN A 192 -13.88 4.81 -15.46
CA GLN A 192 -14.98 5.76 -15.65
C GLN A 192 -14.74 7.02 -14.81
N LEU A 193 -15.34 8.14 -15.23
CA LEU A 193 -15.18 9.38 -14.46
C LEU A 193 -15.80 9.20 -13.07
N ILE A 194 -17.01 8.65 -13.01
CA ILE A 194 -17.70 8.42 -11.74
C ILE A 194 -17.83 6.91 -11.53
N ARG A 195 -17.38 6.44 -10.37
CA ARG A 195 -17.42 5.01 -10.04
C ARG A 195 -17.28 4.87 -8.53
N TYR A 196 -17.93 3.86 -7.95
CA TYR A 196 -17.87 3.66 -6.51
C TYR A 196 -16.73 2.74 -6.08
N ALA A 197 -16.25 2.97 -4.86
CA ALA A 197 -15.15 2.18 -4.29
C ALA A 197 -15.62 0.84 -3.76
N GLY A 198 -14.66 -0.05 -3.58
CA GLY A 198 -14.93 -1.38 -3.05
C GLY A 198 -13.93 -1.63 -1.94
N TYR A 199 -14.42 -2.09 -0.80
CA TYR A 199 -13.54 -2.31 0.35
C TYR A 199 -13.59 -3.73 0.89
N GLN A 200 -12.39 -4.24 1.17
CA GLN A 200 -12.23 -5.56 1.76
C GLN A 200 -12.27 -5.26 3.27
N MET A 201 -13.43 -5.46 3.89
CA MET A 201 -13.61 -5.19 5.31
C MET A 201 -12.86 -6.18 6.22
N PRO A 202 -12.63 -5.79 7.49
CA PRO A 202 -11.94 -6.62 8.48
C PRO A 202 -12.59 -7.98 8.73
N ASP A 203 -13.93 -8.01 8.75
CA ASP A 203 -14.65 -9.26 8.97
C ASP A 203 -14.67 -10.18 7.75
N GLY A 204 -13.92 -9.79 6.72
CA GLY A 204 -13.85 -10.59 5.50
C GLY A 204 -14.88 -10.25 4.44
N THR A 205 -15.93 -9.52 4.81
CA THR A 205 -16.96 -9.16 3.83
C THR A 205 -16.49 -8.03 2.93
N ILE A 206 -17.16 -7.89 1.80
CA ILE A 206 -16.83 -6.85 0.82
C ILE A 206 -17.89 -5.76 0.89
N ARG A 207 -17.45 -4.51 0.98
CA ARG A 207 -18.38 -3.40 1.02
C ARG A 207 -18.20 -2.53 -0.21
N GLY A 208 -19.32 -2.09 -0.79
CA GLY A 208 -19.27 -1.27 -1.98
C GLY A 208 -19.23 -2.10 -3.25
N ASP A 209 -18.51 -1.61 -4.26
CA ASP A 209 -18.40 -2.28 -5.54
C ASP A 209 -17.22 -3.26 -5.59
N ALA A 210 -17.53 -4.55 -5.44
CA ALA A 210 -16.51 -5.60 -5.45
C ALA A 210 -15.56 -5.56 -6.65
N ALA A 211 -16.01 -4.99 -7.76
CA ALA A 211 -15.19 -4.91 -8.96
C ALA A 211 -14.10 -3.85 -8.93
N THR A 212 -14.17 -2.94 -7.96
CA THR A 212 -13.13 -1.90 -7.87
C THR A 212 -12.18 -2.08 -6.68
N LEU A 213 -12.11 -3.28 -6.14
CA LEU A 213 -11.23 -3.57 -5.00
C LEU A 213 -9.79 -3.15 -5.23
N GLU A 214 -9.20 -3.63 -6.32
CA GLU A 214 -7.81 -3.34 -6.64
C GLU A 214 -7.56 -1.86 -6.91
N PHE A 215 -8.42 -1.23 -7.72
CA PHE A 215 -8.27 0.19 -8.03
C PHE A 215 -8.47 1.06 -6.78
N THR A 216 -9.38 0.65 -5.91
CA THR A 216 -9.63 1.41 -4.69
C THR A 216 -8.36 1.39 -3.84
N GLN A 217 -7.74 0.21 -3.77
CA GLN A 217 -6.51 0.04 -3.01
C GLN A 217 -5.41 0.94 -3.57
N LEU A 218 -5.34 1.02 -4.90
CA LEU A 218 -4.35 1.87 -5.56
C LEU A 218 -4.53 3.33 -5.13
N CYS A 219 -5.77 3.78 -5.10
CA CYS A 219 -6.08 5.14 -4.69
C CYS A 219 -5.63 5.35 -3.24
N ILE A 220 -5.89 4.37 -2.39
CA ILE A 220 -5.49 4.42 -0.99
C ILE A 220 -3.96 4.50 -0.89
N ASP A 221 -3.27 3.73 -1.72
CA ASP A 221 -1.80 3.73 -1.74
C ASP A 221 -1.27 5.10 -2.15
N LEU A 222 -2.02 5.80 -2.98
CA LEU A 222 -1.62 7.11 -3.46
C LEU A 222 -2.03 8.27 -2.55
N GLY A 223 -2.54 7.94 -1.37
CA GLY A 223 -2.92 8.98 -0.44
C GLY A 223 -4.39 9.28 -0.23
N TRP A 224 -5.26 8.69 -1.05
CA TRP A 224 -6.70 8.92 -0.92
C TRP A 224 -7.21 8.32 0.38
N LYS A 225 -8.11 9.04 1.04
CA LYS A 225 -8.69 8.58 2.30
C LYS A 225 -9.93 7.70 2.11
N PRO A 226 -9.84 6.41 2.49
CA PRO A 226 -10.96 5.48 2.38
C PRO A 226 -12.06 5.84 3.36
N ARG A 227 -13.30 5.88 2.89
CA ARG A 227 -14.43 6.23 3.73
C ARG A 227 -15.28 5.03 4.14
N TYR A 228 -14.86 3.85 3.69
CA TYR A 228 -15.53 2.58 3.99
C TYR A 228 -17.04 2.58 3.86
N GLY A 229 -17.53 3.21 2.80
CA GLY A 229 -18.96 3.27 2.54
C GLY A 229 -19.36 2.34 1.41
N ARG A 230 -20.67 2.23 1.21
CA ARG A 230 -21.26 1.38 0.19
C ARG A 230 -21.19 2.06 -1.18
N PHE A 231 -21.32 3.38 -1.18
CA PHE A 231 -21.30 4.18 -2.40
C PHE A 231 -20.33 5.38 -2.33
N ASP A 232 -19.05 5.11 -2.11
CA ASP A 232 -18.05 6.20 -2.05
C ASP A 232 -17.49 6.45 -3.43
N VAL A 233 -17.71 7.65 -3.94
CA VAL A 233 -17.21 8.02 -5.25
C VAL A 233 -15.68 8.04 -5.23
N LEU A 234 -15.08 7.29 -6.16
CA LEU A 234 -13.64 7.20 -6.27
C LEU A 234 -13.03 8.50 -6.80
N PRO A 235 -11.77 8.77 -6.44
CA PRO A 235 -11.11 10.00 -6.91
C PRO A 235 -10.54 9.79 -8.31
N LEU A 236 -10.24 10.89 -8.98
CA LEU A 236 -9.64 10.84 -10.30
C LEU A 236 -8.15 10.64 -10.13
N VAL A 237 -7.60 9.67 -10.87
CA VAL A 237 -6.17 9.36 -10.83
C VAL A 237 -5.68 9.84 -12.18
N LEU A 238 -5.08 11.02 -12.20
CA LEU A 238 -4.65 11.64 -13.42
C LEU A 238 -3.16 11.67 -13.73
N GLN A 239 -2.83 11.24 -14.94
CA GLN A 239 -1.47 11.20 -15.45
C GLN A 239 -1.35 12.26 -16.53
N ALA A 240 -0.43 13.19 -16.34
CA ALA A 240 -0.21 14.27 -17.31
C ALA A 240 1.23 14.31 -17.80
N ASP A 241 1.39 14.52 -19.10
CA ASP A 241 2.70 14.62 -19.74
C ASP A 241 3.63 13.45 -19.42
N GLY A 242 3.04 12.26 -19.26
CA GLY A 242 3.81 11.06 -18.95
C GLY A 242 4.30 10.96 -17.53
N GLN A 243 3.99 11.95 -16.70
CA GLN A 243 4.42 11.96 -15.31
C GLN A 243 3.55 11.08 -14.42
N ASP A 244 4.02 10.83 -13.21
CA ASP A 244 3.30 9.99 -12.24
C ASP A 244 1.89 10.52 -11.98
N PRO A 245 0.92 9.61 -11.82
CA PRO A 245 -0.48 9.98 -11.56
C PRO A 245 -0.73 10.68 -10.23
N GLU A 246 -1.56 11.71 -10.28
CA GLU A 246 -1.93 12.47 -9.08
C GLU A 246 -3.41 12.24 -8.78
N VAL A 247 -3.72 12.12 -7.50
CA VAL A 247 -5.08 11.87 -7.04
C VAL A 247 -5.86 13.17 -6.79
N PHE A 248 -7.10 13.22 -7.26
CA PHE A 248 -7.96 14.39 -7.08
C PHE A 248 -9.39 13.95 -6.75
N GLU A 249 -9.89 14.35 -5.58
CA GLU A 249 -11.25 14.00 -5.18
C GLU A 249 -12.23 14.83 -6.01
N ILE A 250 -13.30 14.19 -6.47
CA ILE A 250 -14.30 14.90 -7.26
C ILE A 250 -15.21 15.64 -6.29
N PRO A 251 -15.38 16.97 -6.49
CA PRO A 251 -16.26 17.75 -5.60
C PRO A 251 -17.66 17.15 -5.61
N PRO A 252 -18.15 16.70 -4.44
CA PRO A 252 -19.48 16.10 -4.28
C PRO A 252 -20.63 16.85 -4.92
N ASP A 253 -20.53 18.19 -5.00
CA ASP A 253 -21.59 18.99 -5.61
C ASP A 253 -21.73 18.68 -7.11
N LEU A 254 -20.68 18.16 -7.72
CA LEU A 254 -20.70 17.83 -9.14
C LEU A 254 -21.24 16.44 -9.46
N VAL A 255 -21.35 15.60 -8.44
CA VAL A 255 -21.85 14.23 -8.63
C VAL A 255 -23.33 14.08 -8.33
N LEU A 256 -24.14 14.02 -9.39
CA LEU A 256 -25.57 13.82 -9.22
C LEU A 256 -25.85 12.34 -9.04
N GLU A 257 -26.69 12.00 -8.07
CA GLU A 257 -27.05 10.62 -7.81
C GLU A 257 -28.57 10.46 -7.75
N VAL A 258 -29.02 9.22 -7.97
CA VAL A 258 -30.45 8.90 -7.94
C VAL A 258 -30.69 7.84 -6.86
N THR A 259 -31.59 8.12 -5.93
CA THR A 259 -31.91 7.16 -4.87
C THR A 259 -32.96 6.20 -5.44
N MET A 260 -32.74 4.91 -5.25
CA MET A 260 -33.63 3.89 -5.78
C MET A 260 -34.90 3.63 -4.97
N GLU A 261 -36.03 3.74 -5.67
CA GLU A 261 -37.35 3.52 -5.11
C GLU A 261 -38.17 2.70 -6.10
N HIS A 262 -39.09 1.89 -5.58
CA HIS A 262 -39.96 1.10 -6.43
C HIS A 262 -41.35 1.75 -6.42
N PRO A 263 -42.01 1.82 -7.58
CA PRO A 263 -43.34 2.43 -7.65
C PRO A 263 -44.44 1.72 -6.86
N LYS A 264 -44.20 0.48 -6.45
CA LYS A 264 -45.19 -0.28 -5.67
C LYS A 264 -44.61 -0.84 -4.37
N TYR A 265 -43.38 -1.32 -4.41
CA TYR A 265 -42.73 -1.88 -3.24
C TYR A 265 -42.08 -0.81 -2.37
N GLU A 266 -42.75 -0.42 -1.29
CA GLU A 266 -42.21 0.59 -0.38
C GLU A 266 -40.93 0.12 0.28
N TRP A 267 -40.78 -1.20 0.42
CA TRP A 267 -39.59 -1.76 1.04
C TRP A 267 -38.33 -1.64 0.17
N PHE A 268 -38.50 -1.34 -1.12
CA PHE A 268 -37.34 -1.23 -2.01
C PHE A 268 -36.39 -0.16 -1.53
N GLN A 269 -36.96 0.97 -1.10
CA GLN A 269 -36.19 2.09 -0.58
C GLN A 269 -35.35 1.67 0.64
N GLU A 270 -35.83 0.67 1.38
CA GLU A 270 -35.14 0.15 2.56
C GLU A 270 -33.82 -0.54 2.23
N LEU A 271 -33.60 -0.84 0.95
CA LEU A 271 -32.37 -1.47 0.51
C LEU A 271 -31.21 -0.46 0.52
N GLY A 272 -31.57 0.82 0.59
CA GLY A 272 -30.59 1.89 0.64
C GLY A 272 -29.71 2.00 -0.60
N LEU A 273 -30.28 1.71 -1.76
CA LEU A 273 -29.53 1.76 -3.00
C LEU A 273 -29.64 3.09 -3.72
N LYS A 274 -28.58 3.41 -4.46
CA LYS A 274 -28.52 4.61 -5.27
C LYS A 274 -27.45 4.38 -6.32
N TRP A 275 -27.41 5.25 -7.32
CA TRP A 275 -26.40 5.15 -8.37
C TRP A 275 -26.18 6.53 -8.97
N TYR A 276 -25.02 6.72 -9.59
CA TYR A 276 -24.72 8.00 -10.21
C TYR A 276 -25.46 8.15 -11.54
N ALA A 277 -25.79 9.38 -11.90
CA ALA A 277 -26.50 9.67 -13.13
C ALA A 277 -25.63 9.76 -14.36
N LEU A 278 -24.34 9.99 -14.18
CA LEU A 278 -23.42 10.17 -15.31
C LEU A 278 -22.56 8.99 -15.72
N PRO A 279 -22.83 8.38 -16.90
CA PRO A 279 -22.06 7.26 -17.41
C PRO A 279 -20.96 7.82 -18.31
N ALA A 280 -19.72 7.78 -17.82
CA ALA A 280 -18.63 8.33 -18.60
C ALA A 280 -17.42 7.42 -18.71
N VAL A 281 -17.08 7.05 -19.94
CA VAL A 281 -15.93 6.19 -20.22
C VAL A 281 -14.72 7.09 -20.15
N ALA A 282 -13.74 6.71 -19.33
CA ALA A 282 -12.56 7.55 -19.13
C ALA A 282 -11.22 7.10 -19.61
N ASN A 283 -11.06 5.82 -19.89
CA ASN A 283 -9.75 5.27 -20.29
C ASN A 283 -9.51 4.83 -21.72
N MET A 284 -10.35 5.27 -22.66
CA MET A 284 -10.14 4.85 -24.04
C MET A 284 -9.26 5.79 -24.85
N LEU A 285 -8.81 5.31 -26.01
CA LEU A 285 -7.94 6.10 -26.87
C LEU A 285 -8.61 6.39 -28.20
N LEU A 286 -8.58 7.67 -28.60
CA LEU A 286 -9.15 8.10 -29.86
C LEU A 286 -8.08 8.06 -30.97
N GLU A 287 -8.35 7.30 -32.02
CA GLU A 287 -7.43 7.19 -33.14
C GLU A 287 -8.06 7.93 -34.30
N VAL A 288 -7.27 8.77 -34.96
CA VAL A 288 -7.76 9.54 -36.10
C VAL A 288 -6.60 10.02 -36.97
N GLY A 289 -6.72 9.76 -38.27
CA GLY A 289 -5.73 10.16 -39.25
C GLY A 289 -4.28 9.97 -38.85
N GLY A 290 -4.00 8.84 -38.17
CA GLY A 290 -2.63 8.58 -37.76
C GLY A 290 -2.29 9.10 -36.38
N LEU A 291 -3.15 9.94 -35.82
CA LEU A 291 -2.92 10.48 -34.48
C LEU A 291 -3.59 9.62 -33.41
N GLU A 292 -3.05 9.68 -32.19
CA GLU A 292 -3.59 8.93 -31.07
C GLU A 292 -3.75 9.85 -29.86
N PHE A 293 -4.94 9.82 -29.25
CA PHE A 293 -5.24 10.62 -28.07
C PHE A 293 -5.53 9.68 -26.93
N PRO A 294 -4.50 9.37 -26.10
CA PRO A 294 -4.62 8.45 -24.96
C PRO A 294 -5.56 8.92 -23.85
N ALA A 295 -6.00 10.17 -23.91
CA ALA A 295 -6.90 10.70 -22.90
C ALA A 295 -8.02 11.48 -23.57
N CYS A 296 -9.23 10.92 -23.55
CA CYS A 296 -10.39 11.55 -24.18
C CYS A 296 -11.68 11.02 -23.54
N PRO A 297 -11.93 11.38 -22.27
CA PRO A 297 -13.14 10.90 -21.60
C PRO A 297 -14.40 11.40 -22.29
N PHE A 298 -15.39 10.52 -22.41
CA PHE A 298 -16.66 10.89 -23.03
C PHE A 298 -17.81 10.29 -22.28
N ASN A 299 -19.00 10.84 -22.50
CA ASN A 299 -20.18 10.34 -21.83
C ASN A 299 -21.43 10.50 -22.69
N GLY A 300 -22.44 9.70 -22.36
CA GLY A 300 -23.74 9.77 -23.00
C GLY A 300 -24.65 9.72 -21.79
N TRP A 301 -25.80 9.06 -21.90
CA TRP A 301 -26.71 8.89 -20.78
C TRP A 301 -26.94 7.40 -20.60
N TYR A 302 -27.38 7.01 -19.42
CA TYR A 302 -27.60 5.61 -19.10
C TYR A 302 -28.75 4.88 -19.81
N MET A 303 -28.58 3.58 -19.95
CA MET A 303 -29.61 2.69 -20.47
C MET A 303 -29.89 1.93 -19.17
N GLY A 304 -31.14 1.87 -18.77
CA GLY A 304 -31.55 1.22 -17.54
C GLY A 304 -30.90 -0.07 -17.08
N THR A 305 -30.76 -1.02 -18.00
CA THR A 305 -30.17 -2.33 -17.70
C THR A 305 -28.73 -2.30 -17.18
N GLU A 306 -27.98 -1.26 -17.53
CA GLU A 306 -26.60 -1.14 -17.08
C GLU A 306 -26.56 -1.12 -15.55
N ILE A 307 -27.51 -0.40 -14.96
CA ILE A 307 -27.60 -0.29 -13.51
C ILE A 307 -28.45 -1.42 -12.93
N GLY A 308 -29.68 -1.54 -13.42
CA GLY A 308 -30.58 -2.56 -12.93
C GLY A 308 -30.11 -4.00 -13.05
N VAL A 309 -29.40 -4.30 -14.12
CA VAL A 309 -28.94 -5.67 -14.35
C VAL A 309 -27.46 -5.91 -14.04
N ARG A 310 -26.57 -5.14 -14.64
CA ARG A 310 -25.14 -5.38 -14.43
C ARG A 310 -24.64 -4.94 -13.05
N ASP A 311 -24.78 -3.66 -12.75
CA ASP A 311 -24.35 -3.12 -11.45
C ASP A 311 -25.02 -3.78 -10.26
N PHE A 312 -26.34 -3.87 -10.28
CA PHE A 312 -27.09 -4.47 -9.18
C PHE A 312 -27.20 -5.99 -9.14
N CYS A 313 -27.29 -6.63 -10.30
CA CYS A 313 -27.47 -8.08 -10.31
C CYS A 313 -26.30 -9.01 -10.64
N ASP A 314 -25.21 -8.49 -11.19
CA ASP A 314 -24.04 -9.34 -11.45
C ASP A 314 -23.56 -9.84 -10.09
N THR A 315 -23.22 -11.12 -9.99
CA THR A 315 -22.75 -11.68 -8.72
C THR A 315 -21.46 -11.02 -8.23
N GLN A 316 -20.58 -10.63 -9.14
CA GLN A 316 -19.31 -9.98 -8.78
C GLN A 316 -19.44 -8.47 -8.57
N ARG A 317 -20.68 -7.98 -8.49
CA ARG A 317 -20.93 -6.55 -8.27
C ARG A 317 -21.74 -6.39 -6.98
N TYR A 318 -22.80 -5.58 -7.00
CA TYR A 318 -23.61 -5.39 -5.80
C TYR A 318 -24.44 -6.60 -5.40
N ASN A 319 -24.63 -7.54 -6.34
CA ASN A 319 -25.34 -8.80 -6.09
C ASN A 319 -26.57 -8.72 -5.18
N ILE A 320 -27.55 -7.91 -5.56
CA ILE A 320 -28.76 -7.76 -4.74
C ILE A 320 -29.93 -8.67 -5.14
N LEU A 321 -29.72 -9.50 -6.16
CA LEU A 321 -30.78 -10.38 -6.66
C LEU A 321 -31.53 -11.23 -5.65
N GLU A 322 -30.80 -12.00 -4.84
CA GLU A 322 -31.44 -12.86 -3.85
C GLU A 322 -32.23 -12.09 -2.80
N GLU A 323 -31.67 -10.99 -2.31
CA GLU A 323 -32.33 -10.17 -1.30
C GLU A 323 -33.66 -9.62 -1.82
N VAL A 324 -33.68 -9.22 -3.10
CA VAL A 324 -34.89 -8.70 -3.70
C VAL A 324 -35.89 -9.84 -3.87
N GLY A 325 -35.37 -11.04 -4.15
CA GLY A 325 -36.22 -12.20 -4.32
C GLY A 325 -36.99 -12.50 -3.05
N ARG A 326 -36.28 -12.57 -1.92
CA ARG A 326 -36.88 -12.85 -0.62
C ARG A 326 -37.96 -11.86 -0.28
N ARG A 327 -37.64 -10.58 -0.42
CA ARG A 327 -38.58 -9.52 -0.11
C ARG A 327 -39.84 -9.56 -0.95
N MET A 328 -39.77 -10.23 -2.10
CA MET A 328 -40.94 -10.38 -2.97
C MET A 328 -41.70 -11.65 -2.62
N GLY A 329 -41.16 -12.40 -1.66
CA GLY A 329 -41.78 -13.64 -1.22
C GLY A 329 -41.68 -14.76 -2.24
N LEU A 330 -40.65 -14.69 -3.09
CA LEU A 330 -40.44 -15.69 -4.14
C LEU A 330 -39.72 -16.95 -3.67
N GLU A 331 -39.88 -18.02 -4.44
CA GLU A 331 -39.25 -19.32 -4.17
C GLU A 331 -37.79 -19.25 -4.60
N THR A 332 -36.99 -18.50 -3.83
CA THR A 332 -35.58 -18.29 -4.13
C THR A 332 -34.68 -19.52 -4.00
N HIS A 333 -35.24 -20.64 -3.60
CA HIS A 333 -34.47 -21.87 -3.46
C HIS A 333 -34.80 -22.88 -4.56
N THR A 334 -35.59 -22.43 -5.54
CA THR A 334 -35.99 -23.26 -6.67
C THR A 334 -35.79 -22.47 -7.97
N LEU A 335 -34.69 -22.72 -8.65
CA LEU A 335 -34.36 -22.04 -9.90
C LEU A 335 -35.48 -22.10 -10.93
N ALA A 336 -36.07 -23.28 -11.11
CA ALA A 336 -37.14 -23.47 -12.07
C ALA A 336 -38.34 -22.55 -11.86
N SER A 337 -38.47 -21.97 -10.67
CA SER A 337 -39.58 -21.06 -10.38
C SER A 337 -39.44 -19.75 -11.16
N LEU A 338 -38.25 -19.51 -11.70
CA LEU A 338 -37.94 -18.31 -12.47
C LEU A 338 -38.00 -17.04 -11.61
N TRP A 339 -37.72 -17.21 -10.32
CA TRP A 339 -37.74 -16.09 -9.38
C TRP A 339 -36.75 -15.02 -9.81
N LYS A 340 -35.61 -15.44 -10.34
CA LYS A 340 -34.58 -14.51 -10.79
C LYS A 340 -35.12 -13.60 -11.89
N ASP A 341 -35.91 -14.15 -12.80
CA ASP A 341 -36.49 -13.37 -13.90
C ASP A 341 -37.46 -12.33 -13.33
N ARG A 342 -38.22 -12.73 -12.32
CA ARG A 342 -39.17 -11.81 -11.70
C ARG A 342 -38.47 -10.69 -10.91
N ALA A 343 -37.42 -11.03 -10.18
CA ALA A 343 -36.69 -10.05 -9.38
C ALA A 343 -35.99 -9.01 -10.25
N VAL A 344 -35.22 -9.47 -11.23
CA VAL A 344 -34.48 -8.55 -12.09
C VAL A 344 -35.38 -7.53 -12.78
N THR A 345 -36.59 -7.93 -13.12
CA THR A 345 -37.52 -7.02 -13.78
C THR A 345 -38.00 -5.92 -12.84
N GLU A 346 -38.24 -6.25 -11.58
CA GLU A 346 -38.68 -5.25 -10.61
C GLU A 346 -37.56 -4.26 -10.30
N ILE A 347 -36.33 -4.73 -10.34
CA ILE A 347 -35.17 -3.89 -10.12
C ILE A 347 -35.03 -2.92 -11.30
N ASN A 348 -35.23 -3.44 -12.52
CA ASN A 348 -35.17 -2.59 -13.71
C ASN A 348 -36.26 -1.53 -13.64
N VAL A 349 -37.44 -1.92 -13.17
CA VAL A 349 -38.55 -0.99 -13.04
C VAL A 349 -38.18 0.10 -12.02
N ALA A 350 -37.52 -0.31 -10.93
CA ALA A 350 -37.12 0.63 -9.88
C ALA A 350 -36.16 1.66 -10.45
N VAL A 351 -35.16 1.19 -11.19
CA VAL A 351 -34.16 2.08 -11.78
C VAL A 351 -34.81 3.12 -12.69
N LEU A 352 -35.62 2.66 -13.64
CA LEU A 352 -36.29 3.58 -14.58
C LEU A 352 -37.22 4.54 -13.82
N HIS A 353 -37.99 3.99 -12.90
CA HIS A 353 -38.92 4.79 -12.10
C HIS A 353 -38.19 5.87 -11.31
N SER A 354 -37.09 5.51 -10.67
CA SER A 354 -36.31 6.45 -9.86
C SER A 354 -35.69 7.58 -10.69
N PHE A 355 -35.08 7.25 -11.82
CA PHE A 355 -34.47 8.25 -12.68
C PHE A 355 -35.54 9.21 -13.20
N GLN A 356 -36.67 8.66 -13.64
CA GLN A 356 -37.76 9.47 -14.17
C GLN A 356 -38.32 10.43 -13.12
N LYS A 357 -38.57 9.90 -11.92
CA LYS A 357 -39.13 10.67 -10.83
C LYS A 357 -38.19 11.81 -10.43
N GLN A 358 -36.89 11.54 -10.46
CA GLN A 358 -35.89 12.56 -10.12
C GLN A 358 -35.43 13.40 -11.31
N ASN A 359 -36.19 13.32 -12.40
CA ASN A 359 -35.93 14.06 -13.62
C ASN A 359 -34.51 13.91 -14.18
N VAL A 360 -34.01 12.69 -14.18
CA VAL A 360 -32.68 12.40 -14.69
C VAL A 360 -32.81 11.54 -15.94
N THR A 361 -32.22 11.99 -17.04
CA THR A 361 -32.29 11.28 -18.32
C THR A 361 -31.86 9.82 -18.22
N ILE A 362 -32.67 8.96 -18.83
CA ILE A 362 -32.38 7.53 -18.88
C ILE A 362 -33.27 6.92 -19.97
N MET A 363 -32.82 5.82 -20.55
CA MET A 363 -33.59 5.15 -21.59
C MET A 363 -33.66 3.65 -21.31
N ASP A 364 -34.87 3.08 -21.45
CA ASP A 364 -35.04 1.65 -21.22
C ASP A 364 -34.42 0.89 -22.39
N HIS A 365 -34.13 -0.38 -22.20
CA HIS A 365 -33.50 -1.18 -23.25
C HIS A 365 -34.36 -1.48 -24.48
N HIS A 366 -35.68 -1.50 -24.33
CA HIS A 366 -36.54 -1.76 -25.48
C HIS A 366 -36.49 -0.57 -26.43
N THR A 367 -36.70 0.62 -25.87
CA THR A 367 -36.66 1.84 -26.66
C THR A 367 -35.28 2.03 -27.31
N ALA A 368 -34.22 1.75 -26.55
CA ALA A 368 -32.86 1.90 -27.07
C ALA A 368 -32.63 0.97 -28.24
N SER A 369 -33.06 -0.27 -28.08
CA SER A 369 -32.90 -1.29 -29.10
C SER A 369 -33.58 -0.88 -30.41
N GLU A 370 -34.81 -0.36 -30.32
CA GLU A 370 -35.55 0.08 -31.49
C GLU A 370 -34.82 1.26 -32.11
N SER A 371 -34.28 2.12 -31.25
CA SER A 371 -33.52 3.29 -31.66
C SER A 371 -32.31 2.88 -32.48
N PHE A 372 -31.58 1.86 -32.02
CA PHE A 372 -30.42 1.41 -32.75
C PHE A 372 -30.80 0.81 -34.11
N MET A 373 -31.90 0.07 -34.15
CA MET A 373 -32.36 -0.53 -35.41
C MET A 373 -32.61 0.55 -36.44
N LYS A 374 -33.23 1.65 -36.02
CA LYS A 374 -33.49 2.77 -36.91
C LYS A 374 -32.16 3.36 -37.39
N HIS A 375 -31.21 3.50 -36.47
CA HIS A 375 -29.89 4.03 -36.79
C HIS A 375 -29.17 3.15 -37.82
N MET A 376 -29.18 1.84 -37.58
CA MET A 376 -28.54 0.88 -38.47
C MET A 376 -29.12 1.02 -39.87
N GLN A 377 -30.45 1.11 -39.94
CA GLN A 377 -31.14 1.29 -41.21
C GLN A 377 -30.63 2.57 -41.88
N ASN A 378 -30.50 3.65 -41.10
CA ASN A 378 -30.02 4.94 -41.60
C ASN A 378 -28.61 4.83 -42.14
N GLU A 379 -27.75 4.12 -41.40
CA GLU A 379 -26.36 3.96 -41.78
C GLU A 379 -26.14 3.18 -43.06
N TYR A 380 -26.93 2.12 -43.29
CA TYR A 380 -26.81 1.33 -44.51
C TYR A 380 -27.17 2.14 -45.75
N ARG A 381 -28.13 3.06 -45.60
CA ARG A 381 -28.51 3.92 -46.72
C ARG A 381 -27.46 5.01 -46.93
N ALA A 382 -26.99 5.62 -45.84
CA ALA A 382 -26.00 6.69 -45.89
C ALA A 382 -24.61 6.27 -46.35
N ARG A 383 -24.08 5.18 -45.80
CA ARG A 383 -22.75 4.73 -46.21
C ARG A 383 -22.55 3.23 -46.43
N GLY A 384 -23.65 2.52 -46.62
CA GLY A 384 -23.57 1.09 -46.90
C GLY A 384 -23.03 0.16 -45.83
N GLY A 385 -23.31 0.46 -44.56
CA GLY A 385 -22.84 -0.39 -43.49
C GLY A 385 -22.90 0.25 -42.12
N CYS A 386 -22.70 -0.58 -41.10
CA CYS A 386 -22.70 -0.13 -39.71
C CYS A 386 -22.02 -1.18 -38.86
N PRO A 387 -20.75 -0.94 -38.49
CA PRO A 387 -20.03 -1.91 -37.67
C PRO A 387 -20.83 -2.14 -36.38
N ALA A 388 -21.08 -3.40 -36.05
CA ALA A 388 -21.87 -3.71 -34.87
C ALA A 388 -21.48 -5.01 -34.21
N ASP A 389 -21.37 -4.99 -32.90
CA ASP A 389 -21.00 -6.16 -32.12
C ASP A 389 -22.26 -6.68 -31.42
N TRP A 390 -22.89 -7.69 -32.03
CA TRP A 390 -24.12 -8.32 -31.53
C TRP A 390 -24.04 -8.66 -30.04
N ILE A 391 -22.92 -9.25 -29.63
CA ILE A 391 -22.71 -9.66 -28.26
C ILE A 391 -22.84 -8.51 -27.25
N TRP A 392 -22.52 -7.30 -27.69
CA TRP A 392 -22.64 -6.14 -26.80
C TRP A 392 -23.92 -5.37 -27.03
N LEU A 393 -24.44 -5.42 -28.25
CA LEU A 393 -25.64 -4.67 -28.57
C LEU A 393 -26.93 -5.25 -28.00
N VAL A 394 -27.00 -6.57 -27.86
CA VAL A 394 -28.18 -7.21 -27.31
C VAL A 394 -28.14 -7.00 -25.79
N PRO A 395 -29.19 -6.38 -25.21
CA PRO A 395 -29.28 -6.10 -23.77
C PRO A 395 -29.11 -7.36 -22.91
N PRO A 396 -28.65 -7.20 -21.64
CA PRO A 396 -28.44 -8.31 -20.71
C PRO A 396 -29.70 -9.04 -20.24
N VAL A 397 -30.87 -8.53 -20.63
CA VAL A 397 -32.15 -9.19 -20.32
C VAL A 397 -33.08 -9.03 -21.53
N SER A 398 -34.07 -9.91 -21.61
CA SER A 398 -35.06 -9.93 -22.67
C SER A 398 -34.49 -9.87 -24.10
N GLY A 399 -33.42 -10.62 -24.31
CA GLY A 399 -32.74 -10.66 -25.60
C GLY A 399 -33.59 -10.71 -26.84
N SER A 400 -34.28 -11.83 -27.08
CA SER A 400 -35.11 -11.95 -28.28
C SER A 400 -36.36 -11.08 -28.27
N ILE A 401 -36.65 -10.45 -27.15
CA ILE A 401 -37.81 -9.57 -27.08
C ILE A 401 -37.45 -8.26 -27.78
N THR A 402 -36.15 -8.00 -27.91
CA THR A 402 -35.68 -6.79 -28.58
C THR A 402 -35.39 -7.14 -30.04
N PRO A 403 -35.56 -6.17 -30.96
CA PRO A 403 -35.31 -6.41 -32.38
C PRO A 403 -33.84 -6.67 -32.76
N VAL A 404 -32.92 -6.08 -32.00
CA VAL A 404 -31.49 -6.22 -32.28
C VAL A 404 -31.04 -7.68 -32.30
N PHE A 405 -31.68 -8.49 -31.44
CA PHE A 405 -31.39 -9.92 -31.33
C PHE A 405 -31.57 -10.64 -32.67
N HIS A 406 -32.59 -10.26 -33.42
CA HIS A 406 -32.89 -10.91 -34.69
C HIS A 406 -32.15 -10.36 -35.90
N GLN A 407 -31.30 -9.37 -35.64
CA GLN A 407 -30.53 -8.72 -36.71
C GLN A 407 -29.11 -9.25 -36.88
N GLU A 408 -28.79 -9.76 -38.07
CA GLU A 408 -27.43 -10.22 -38.35
C GLU A 408 -26.56 -8.98 -38.42
N MET A 409 -25.35 -9.05 -37.88
CA MET A 409 -24.45 -7.91 -37.87
C MET A 409 -23.04 -8.26 -38.22
N LEU A 410 -22.33 -7.28 -38.77
CA LEU A 410 -20.93 -7.42 -39.16
C LEU A 410 -20.09 -6.54 -38.24
N ASN A 411 -19.10 -7.14 -37.59
CA ASN A 411 -18.24 -6.42 -36.68
C ASN A 411 -16.87 -6.15 -37.31
N TYR A 412 -16.56 -4.88 -37.54
CA TYR A 412 -15.27 -4.51 -38.11
C TYR A 412 -14.76 -3.16 -37.59
N VAL A 413 -13.45 -2.97 -37.65
CA VAL A 413 -12.80 -1.75 -37.16
C VAL A 413 -12.45 -0.75 -38.26
N LEU A 414 -13.07 0.43 -38.20
CA LEU A 414 -12.84 1.50 -39.15
C LEU A 414 -11.91 2.53 -38.50
N SER A 415 -11.86 3.73 -39.10
CA SER A 415 -11.03 4.84 -38.61
C SER A 415 -11.74 6.13 -39.01
N PRO A 416 -11.90 7.08 -38.07
CA PRO A 416 -11.49 7.10 -36.65
C PRO A 416 -12.14 5.98 -35.81
N PHE A 417 -11.53 5.70 -34.65
CA PHE A 417 -12.01 4.63 -33.80
C PHE A 417 -11.62 4.85 -32.34
N TYR A 418 -12.44 4.34 -31.42
CA TYR A 418 -12.15 4.42 -29.99
C TYR A 418 -11.61 3.06 -29.56
N TYR A 419 -10.32 3.01 -29.25
CA TYR A 419 -9.69 1.77 -28.85
C TYR A 419 -9.52 1.65 -27.36
N TYR A 420 -9.28 0.41 -26.91
CA TYR A 420 -8.99 0.14 -25.51
C TYR A 420 -7.49 0.39 -25.41
N GLN A 421 -6.95 0.36 -24.19
CA GLN A 421 -5.52 0.57 -23.98
C GLN A 421 -5.08 -0.42 -22.93
N ILE A 422 -3.78 -0.67 -22.86
CA ILE A 422 -3.24 -1.56 -21.82
C ILE A 422 -3.38 -0.77 -20.52
N GLU A 423 -3.77 -1.43 -19.44
CA GLU A 423 -3.92 -0.75 -18.16
C GLU A 423 -2.62 0.00 -17.84
N PRO A 424 -2.70 1.32 -17.64
CA PRO A 424 -1.56 2.20 -17.33
C PRO A 424 -0.63 1.73 -16.23
N TRP A 425 -1.17 1.17 -15.16
CA TRP A 425 -0.34 0.70 -14.06
C TRP A 425 0.56 -0.47 -14.42
N LYS A 426 0.30 -1.08 -15.57
CA LYS A 426 1.11 -2.21 -16.02
C LYS A 426 2.28 -1.80 -16.88
N THR A 427 2.22 -0.61 -17.48
CA THR A 427 3.29 -0.13 -18.35
C THR A 427 3.97 1.14 -17.87
N HIS A 428 3.46 1.71 -16.78
CA HIS A 428 4.01 2.96 -16.25
C HIS A 428 5.34 2.80 -15.52
N ILE A 429 6.30 3.63 -15.90
CA ILE A 429 7.62 3.63 -15.29
C ILE A 429 7.59 4.75 -14.25
N TRP A 430 7.48 4.36 -12.97
CA TRP A 430 7.42 5.31 -11.87
C TRP A 430 8.67 6.15 -11.68
N GLN A 431 8.46 7.42 -11.34
CA GLN A 431 9.55 8.36 -11.13
C GLN A 431 9.93 8.44 -9.64
N ASN A 432 9.13 7.80 -8.79
CA ASN A 432 9.35 7.78 -7.35
C ASN A 432 8.56 6.67 -6.67
N GLN B 12 44.33 10.66 34.63
CA GLN B 12 43.40 11.22 35.61
C GLN B 12 42.12 10.40 35.73
N TYR B 13 41.19 10.86 36.57
CA TYR B 13 39.93 10.16 36.75
C TYR B 13 38.82 11.16 37.02
N VAL B 14 37.57 10.71 36.88
CA VAL B 14 36.42 11.56 37.15
C VAL B 14 35.78 11.06 38.43
N ARG B 15 35.51 11.98 39.33
CA ARG B 15 34.91 11.67 40.62
C ARG B 15 33.39 11.52 40.48
N ILE B 16 32.88 10.39 40.94
CA ILE B 16 31.46 10.08 40.88
C ILE B 16 30.91 9.87 42.29
N LYS B 17 29.76 10.48 42.57
CA LYS B 17 29.17 10.36 43.89
C LYS B 17 27.75 9.81 43.95
N ASN B 18 27.48 8.98 44.96
CA ASN B 18 26.16 8.43 45.20
C ASN B 18 25.61 9.25 46.36
N TRP B 19 24.64 10.12 46.08
CA TRP B 19 24.05 10.98 47.09
C TRP B 19 23.16 10.29 48.11
N GLY B 20 23.09 8.97 48.05
CA GLY B 20 22.29 8.22 49.00
C GLY B 20 23.17 7.62 50.09
N SER B 21 24.32 7.08 49.68
CA SER B 21 25.26 6.46 50.61
C SER B 21 26.51 7.31 50.84
N GLY B 22 26.66 8.39 50.07
CA GLY B 22 27.82 9.25 50.20
C GLY B 22 29.07 8.63 49.59
N GLU B 23 28.96 7.39 49.12
CA GLU B 23 30.06 6.66 48.52
C GLU B 23 30.63 7.33 47.26
N ILE B 24 31.95 7.30 47.14
CA ILE B 24 32.64 7.90 46.01
C ILE B 24 33.30 6.83 45.14
N LEU B 25 33.35 7.09 43.83
CA LEU B 25 33.96 6.18 42.86
C LEU B 25 34.80 7.00 41.88
N HIS B 26 35.87 6.40 41.39
CA HIS B 26 36.78 7.06 40.45
C HIS B 26 36.72 6.40 39.08
N ASP B 27 36.25 7.14 38.08
CA ASP B 27 36.14 6.61 36.74
C ASP B 27 37.35 6.91 35.87
N THR B 28 38.01 5.85 35.42
CA THR B 28 39.17 5.96 34.55
C THR B 28 38.83 5.39 33.17
N LEU B 29 37.87 4.45 33.15
CA LEU B 29 37.44 3.79 31.92
C LEU B 29 36.98 4.73 30.80
N HIS B 30 36.46 5.90 31.15
CA HIS B 30 36.01 6.87 30.16
C HIS B 30 37.10 7.30 29.18
N HIS B 31 38.36 7.03 29.54
CA HIS B 31 39.49 7.37 28.70
C HIS B 31 39.52 6.47 27.46
N LYS B 32 38.95 5.28 27.59
CA LYS B 32 38.90 4.31 26.50
C LYS B 32 37.78 4.63 25.51
N ALA B 33 37.04 5.72 25.76
CA ALA B 33 35.93 6.13 24.90
C ALA B 33 36.40 6.48 23.48
N THR B 34 35.49 6.37 22.52
CA THR B 34 35.80 6.65 21.11
C THR B 34 35.96 8.14 20.83
N CYS B 44 23.66 20.40 26.51
CA CYS B 44 23.96 19.12 25.90
C CYS B 44 22.68 18.36 25.52
N LEU B 45 22.86 17.36 24.65
CA LEU B 45 21.77 16.53 24.16
C LEU B 45 21.65 15.24 24.99
N GLY B 46 21.41 15.41 26.29
CA GLY B 46 21.30 14.27 27.20
C GLY B 46 20.04 13.44 27.08
N SER B 47 18.89 14.10 26.96
CA SER B 47 17.62 13.39 26.85
C SER B 47 17.19 13.06 25.42
N ILE B 48 18.12 13.09 24.48
CA ILE B 48 17.82 12.76 23.10
C ILE B 48 17.76 11.24 22.93
N MET B 49 16.67 10.75 22.38
CA MET B 49 16.46 9.32 22.16
C MET B 49 17.42 8.66 21.18
N ASN B 50 17.49 9.21 19.96
CA ASN B 50 18.36 8.65 18.93
C ASN B 50 19.41 9.64 18.41
N PRO B 51 20.42 9.96 19.24
CA PRO B 51 21.45 10.89 18.78
C PRO B 51 22.39 10.19 17.80
N LYS B 52 23.07 10.99 16.97
CA LYS B 52 24.00 10.45 15.97
C LYS B 52 25.14 9.67 16.61
N SER B 53 25.54 10.08 17.80
CA SER B 53 26.64 9.42 18.51
C SER B 53 26.33 7.96 18.86
N LEU B 54 25.04 7.61 18.88
CA LEU B 54 24.64 6.24 19.18
C LEU B 54 24.14 5.51 17.93
N THR B 55 24.30 6.14 16.78
CA THR B 55 23.86 5.57 15.51
C THR B 55 25.02 5.27 14.57
N ARG B 56 24.99 4.10 13.94
CA ARG B 56 26.02 3.71 12.98
C ARG B 56 25.25 3.45 11.69
N GLY B 57 25.33 4.43 10.78
CA GLY B 57 24.62 4.38 9.51
C GLY B 57 25.11 3.43 8.43
N PRO B 58 24.49 3.50 7.25
CA PRO B 58 24.81 2.68 6.08
C PRO B 58 26.09 3.10 5.36
N ARG B 59 26.52 2.27 4.40
CA ARG B 59 27.72 2.52 3.61
C ARG B 59 27.47 2.04 2.18
N ASP B 60 28.34 2.45 1.26
CA ASP B 60 28.26 2.04 -0.15
C ASP B 60 29.65 1.59 -0.62
N LYS B 61 30.61 1.70 0.29
CA LYS B 61 32.00 1.31 0.05
C LYS B 61 32.51 0.65 1.32
N PRO B 62 33.47 -0.28 1.20
CA PRO B 62 34.02 -0.97 2.36
C PRO B 62 34.73 0.02 3.29
N THR B 63 34.81 -0.32 4.57
CA THR B 63 35.47 0.55 5.55
C THR B 63 36.94 0.74 5.17
N PRO B 64 37.38 2.01 5.04
CA PRO B 64 38.76 2.36 4.68
C PRO B 64 39.80 1.70 5.57
N LEU B 65 40.88 1.23 4.94
CA LEU B 65 41.99 0.56 5.59
C LEU B 65 42.52 1.36 6.78
N GLU B 66 42.83 2.64 6.55
CA GLU B 66 43.37 3.52 7.59
C GLU B 66 42.49 3.60 8.84
N GLU B 67 41.20 3.39 8.64
CA GLU B 67 40.23 3.44 9.73
C GLU B 67 40.05 2.07 10.38
N LEU B 68 39.92 1.03 9.55
CA LEU B 68 39.72 -0.34 10.00
C LEU B 68 40.86 -0.97 10.79
N LEU B 69 42.07 -0.93 10.23
CA LEU B 69 43.25 -1.51 10.84
C LEU B 69 43.51 -1.15 12.32
N PRO B 70 43.46 0.16 12.67
CA PRO B 70 43.70 0.56 14.07
C PRO B 70 42.65 -0.01 15.03
N HIS B 71 41.39 -0.05 14.58
CA HIS B 71 40.30 -0.60 15.39
C HIS B 71 40.49 -2.10 15.61
N ALA B 72 40.87 -2.80 14.55
CA ALA B 72 41.10 -4.25 14.59
C ALA B 72 42.19 -4.61 15.59
N ILE B 73 43.30 -3.86 15.54
CA ILE B 73 44.42 -4.10 16.45
C ILE B 73 44.01 -3.86 17.91
N GLU B 74 43.19 -2.82 18.13
CA GLU B 74 42.72 -2.49 19.47
C GLU B 74 41.88 -3.63 20.04
N PHE B 75 40.98 -4.19 19.24
CA PHE B 75 40.14 -5.30 19.67
C PHE B 75 40.95 -6.56 19.97
N ILE B 76 41.88 -6.90 19.08
CA ILE B 76 42.73 -8.07 19.28
C ILE B 76 43.48 -7.94 20.60
N ASN B 77 43.97 -6.73 20.91
CA ASN B 77 44.68 -6.48 22.17
C ASN B 77 43.73 -6.66 23.35
N GLN B 78 42.51 -6.17 23.20
CA GLN B 78 41.51 -6.28 24.26
C GLN B 78 41.15 -7.74 24.51
N TYR B 79 40.99 -8.49 23.42
CA TYR B 79 40.64 -9.91 23.50
C TYR B 79 41.70 -10.70 24.27
N TYR B 80 42.95 -10.64 23.80
CA TYR B 80 44.05 -11.35 24.45
C TYR B 80 44.36 -10.76 25.81
N GLY B 81 43.98 -9.51 26.02
CA GLY B 81 44.22 -8.85 27.29
C GLY B 81 43.27 -9.31 28.38
N SER B 82 42.16 -9.94 27.99
CA SER B 82 41.17 -10.42 28.95
C SER B 82 41.51 -11.78 29.56
N PHE B 83 42.45 -12.49 28.95
CA PHE B 83 42.86 -13.81 29.44
C PHE B 83 43.51 -13.71 30.81
N LYS B 84 43.11 -14.57 31.74
CA LYS B 84 43.69 -14.57 33.08
C LYS B 84 45.11 -15.12 32.98
N GLU B 85 45.31 -16.04 32.03
CA GLU B 85 46.62 -16.64 31.77
C GLU B 85 47.05 -16.14 30.40
N ALA B 86 47.84 -15.07 30.40
CA ALA B 86 48.33 -14.44 29.17
C ALA B 86 49.02 -15.40 28.20
N LYS B 87 48.65 -15.29 26.93
CA LYS B 87 49.23 -16.10 25.86
C LYS B 87 49.89 -15.16 24.86
N ILE B 88 51.03 -14.61 25.28
CA ILE B 88 51.82 -13.65 24.50
C ILE B 88 52.07 -14.06 23.06
N GLU B 89 52.53 -15.29 22.86
CA GLU B 89 52.83 -15.80 21.52
C GLU B 89 51.64 -15.78 20.58
N GLU B 90 50.50 -16.28 21.04
CA GLU B 90 49.28 -16.32 20.25
C GLU B 90 48.75 -14.91 19.95
N HIS B 91 48.93 -14.01 20.91
CA HIS B 91 48.52 -12.61 20.77
C HIS B 91 49.28 -11.97 19.60
N LEU B 92 50.60 -12.08 19.63
CA LEU B 92 51.45 -11.53 18.57
C LEU B 92 51.13 -12.15 17.22
N ALA B 93 50.93 -13.47 17.19
CA ALA B 93 50.61 -14.17 15.95
C ALA B 93 49.30 -13.65 15.36
N ARG B 94 48.28 -13.53 16.20
CA ARG B 94 46.97 -13.04 15.77
C ARG B 94 47.08 -11.60 15.27
N LEU B 95 47.84 -10.77 15.99
CA LEU B 95 48.03 -9.37 15.61
C LEU B 95 48.58 -9.29 14.19
N GLU B 96 49.61 -10.07 13.92
CA GLU B 96 50.23 -10.11 12.60
C GLU B 96 49.28 -10.62 11.53
N ALA B 97 48.60 -11.74 11.84
CA ALA B 97 47.66 -12.35 10.90
C ALA B 97 46.52 -11.41 10.50
N VAL B 98 45.90 -10.75 11.49
CA VAL B 98 44.82 -9.81 11.22
C VAL B 98 45.33 -8.60 10.43
N THR B 99 46.52 -8.14 10.77
CA THR B 99 47.13 -7.00 10.08
C THR B 99 47.30 -7.32 8.59
N LYS B 100 47.87 -8.49 8.30
CA LYS B 100 48.09 -8.91 6.91
C LYS B 100 46.80 -9.16 6.16
N GLU B 101 45.84 -9.81 6.81
CA GLU B 101 44.56 -10.11 6.18
C GLU B 101 43.87 -8.84 5.72
N ILE B 102 43.85 -7.83 6.58
CA ILE B 102 43.23 -6.53 6.26
C ILE B 102 43.96 -5.82 5.11
N GLU B 103 45.29 -5.77 5.18
CA GLU B 103 46.08 -5.12 4.15
C GLU B 103 45.97 -5.79 2.77
N THR B 104 45.72 -7.10 2.75
CA THR B 104 45.61 -7.83 1.50
C THR B 104 44.17 -8.08 1.01
N THR B 105 43.23 -8.22 1.94
CA THR B 105 41.83 -8.48 1.57
C THR B 105 40.91 -7.26 1.75
N GLY B 106 41.33 -6.31 2.57
CA GLY B 106 40.53 -5.13 2.83
C GLY B 106 39.67 -5.26 4.09
N THR B 107 39.58 -6.46 4.63
CA THR B 107 38.80 -6.73 5.83
C THR B 107 39.37 -7.97 6.54
N TYR B 108 38.61 -8.53 7.48
CA TYR B 108 39.05 -9.72 8.19
C TYR B 108 37.91 -10.44 8.91
N GLN B 109 38.16 -11.69 9.30
CA GLN B 109 37.18 -12.51 9.98
C GLN B 109 37.60 -12.78 11.42
N LEU B 110 36.62 -12.80 12.33
CA LEU B 110 36.88 -13.07 13.74
C LEU B 110 36.78 -14.58 14.00
N THR B 111 37.36 -15.05 15.08
CA THR B 111 37.26 -16.46 15.46
C THR B 111 35.98 -16.53 16.29
N LEU B 112 35.43 -17.73 16.47
CA LEU B 112 34.20 -17.88 17.26
C LEU B 112 34.39 -17.32 18.67
N ASP B 113 35.52 -17.63 19.30
CA ASP B 113 35.80 -17.14 20.65
C ASP B 113 35.86 -15.61 20.70
N GLU B 114 36.43 -15.01 19.66
CA GLU B 114 36.54 -13.55 19.59
C GLU B 114 35.15 -12.94 19.47
N LEU B 115 34.31 -13.55 18.63
CA LEU B 115 32.93 -13.09 18.43
C LEU B 115 32.13 -13.19 19.74
N ILE B 116 32.28 -14.31 20.43
CA ILE B 116 31.58 -14.54 21.70
C ILE B 116 31.99 -13.45 22.69
N PHE B 117 33.30 -13.23 22.80
CA PHE B 117 33.87 -12.23 23.69
C PHE B 117 33.31 -10.85 23.33
N ALA B 118 33.26 -10.56 22.03
CA ALA B 118 32.76 -9.28 21.53
C ALA B 118 31.29 -9.01 21.85
N THR B 119 30.44 -10.04 21.73
CA THR B 119 29.02 -9.86 22.01
C THR B 119 28.77 -9.57 23.48
N LYS B 120 29.53 -10.22 24.35
CA LYS B 120 29.41 -10.01 25.79
C LYS B 120 29.96 -8.64 26.19
N MET B 121 31.07 -8.23 25.57
CA MET B 121 31.67 -6.93 25.87
C MET B 121 30.74 -5.81 25.40
N ALA B 122 30.13 -6.00 24.22
CA ALA B 122 29.21 -5.00 23.70
C ALA B 122 28.02 -4.83 24.66
N TRP B 123 27.58 -5.94 25.24
CA TRP B 123 26.47 -5.94 26.18
C TRP B 123 26.95 -5.21 27.43
N ARG B 124 28.13 -5.60 27.88
CA ARG B 124 28.77 -5.00 29.04
C ARG B 124 28.92 -3.49 28.85
N ASN B 125 29.14 -3.06 27.60
CA ASN B 125 29.31 -1.65 27.24
C ASN B 125 28.01 -0.91 26.86
N ALA B 126 26.86 -1.56 27.01
CA ALA B 126 25.57 -0.92 26.68
C ALA B 126 25.13 -0.03 27.84
N PRO B 127 25.27 1.30 27.69
CA PRO B 127 24.90 2.27 28.72
C PRO B 127 23.43 2.30 29.11
N ARG B 128 22.56 1.87 28.20
CA ARG B 128 21.13 1.88 28.48
C ARG B 128 20.54 0.59 29.04
N CYS B 129 21.39 -0.39 29.34
CA CYS B 129 20.92 -1.68 29.87
C CYS B 129 21.08 -1.86 31.38
N ILE B 130 19.97 -2.07 32.06
CA ILE B 130 19.98 -2.25 33.50
C ILE B 130 20.29 -3.70 33.93
N GLY B 131 20.23 -4.62 32.97
CA GLY B 131 20.47 -6.02 33.29
C GLY B 131 21.88 -6.53 33.08
N ARG B 132 22.83 -5.62 32.94
CA ARG B 132 24.22 -5.98 32.68
C ARG B 132 24.96 -6.87 33.68
N ILE B 133 24.37 -7.16 34.83
CA ILE B 133 25.06 -8.05 35.78
C ILE B 133 25.12 -9.45 35.15
N GLN B 134 24.21 -9.72 34.21
CA GLN B 134 24.13 -11.01 33.50
C GLN B 134 25.02 -11.10 32.27
N TRP B 135 25.80 -10.05 31.99
CA TRP B 135 26.66 -9.96 30.80
C TRP B 135 27.51 -11.17 30.40
N SER B 136 27.97 -11.96 31.36
CA SER B 136 28.79 -13.12 31.04
C SER B 136 27.97 -14.36 30.68
N ASN B 137 26.66 -14.30 30.89
CA ASN B 137 25.75 -15.40 30.59
C ASN B 137 24.99 -15.10 29.30
N LEU B 138 25.57 -15.52 28.18
CA LEU B 138 24.97 -15.26 26.88
C LEU B 138 25.25 -16.35 25.86
N GLN B 139 24.17 -16.91 25.31
CA GLN B 139 24.29 -17.94 24.29
C GLN B 139 24.49 -17.24 22.96
N VAL B 140 25.51 -17.65 22.21
CA VAL B 140 25.81 -17.04 20.92
C VAL B 140 25.57 -18.00 19.76
N PHE B 141 24.71 -17.59 18.83
CA PHE B 141 24.43 -18.40 17.64
C PHE B 141 25.16 -17.79 16.46
N ASP B 142 26.14 -18.53 15.94
CA ASP B 142 26.92 -18.08 14.80
C ASP B 142 26.22 -18.37 13.48
N ALA B 143 25.62 -17.34 12.89
CA ALA B 143 24.94 -17.46 11.60
C ALA B 143 25.64 -16.64 10.55
N ARG B 144 26.97 -16.51 10.68
CA ARG B 144 27.76 -15.73 9.74
C ARG B 144 27.83 -16.36 8.34
N ASN B 145 27.47 -17.64 8.24
CA ASN B 145 27.50 -18.33 6.95
C ASN B 145 26.14 -18.27 6.25
N CYS B 146 25.18 -17.59 6.87
CA CYS B 146 23.83 -17.45 6.32
C CYS B 146 23.88 -16.72 4.97
N SER B 147 22.95 -17.04 4.07
CA SER B 147 22.94 -16.38 2.76
C SER B 147 21.57 -16.01 2.22
N THR B 148 20.51 -16.68 2.69
CA THR B 148 19.17 -16.36 2.20
C THR B 148 18.22 -15.92 3.31
N ALA B 149 17.12 -15.28 2.92
CA ALA B 149 16.11 -14.81 3.86
C ALA B 149 15.48 -15.99 4.60
N GLN B 150 15.25 -17.09 3.87
CA GLN B 150 14.68 -18.30 4.44
C GLN B 150 15.59 -18.85 5.54
N GLU B 151 16.90 -18.81 5.29
CA GLU B 151 17.87 -19.28 6.27
C GLU B 151 17.87 -18.36 7.49
N MET B 152 17.68 -17.06 7.27
CA MET B 152 17.61 -16.09 8.37
C MET B 152 16.44 -16.46 9.26
N PHE B 153 15.28 -16.67 8.63
CA PHE B 153 14.05 -17.04 9.31
C PHE B 153 14.26 -18.27 10.18
N GLN B 154 14.93 -19.27 9.63
CA GLN B 154 15.19 -20.51 10.36
C GLN B 154 16.07 -20.26 11.58
N HIS B 155 17.07 -19.38 11.42
CA HIS B 155 17.96 -19.04 12.52
C HIS B 155 17.21 -18.30 13.61
N ILE B 156 16.33 -17.39 13.19
CA ILE B 156 15.53 -16.61 14.11
C ILE B 156 14.55 -17.49 14.89
N CYS B 157 13.94 -18.46 14.21
CA CYS B 157 13.00 -19.38 14.85
C CYS B 157 13.74 -20.22 15.89
N ARG B 158 14.95 -20.62 15.54
CA ARG B 158 15.79 -21.41 16.43
C ARG B 158 16.13 -20.58 17.68
N HIS B 159 16.43 -19.30 17.48
CA HIS B 159 16.76 -18.38 18.56
C HIS B 159 15.57 -18.24 19.51
N ILE B 160 14.42 -17.90 18.94
CA ILE B 160 13.20 -17.73 19.70
C ILE B 160 12.90 -18.94 20.55
N LEU B 161 13.03 -20.12 19.96
CA LEU B 161 12.77 -21.37 20.66
C LEU B 161 13.74 -21.56 21.82
N TYR B 162 15.04 -21.39 21.54
CA TYR B 162 16.06 -21.54 22.57
C TYR B 162 15.87 -20.55 23.72
N ALA B 163 15.69 -19.27 23.36
CA ALA B 163 15.52 -18.21 24.35
C ALA B 163 14.28 -18.35 25.23
N THR B 164 13.16 -18.72 24.62
CA THR B 164 11.90 -18.88 25.35
C THR B 164 11.99 -19.98 26.40
N ASN B 165 12.56 -21.11 25.98
CA ASN B 165 12.78 -22.26 26.85
C ASN B 165 11.61 -22.59 27.77
N ASN B 166 10.40 -22.58 27.21
CA ASN B 166 9.18 -22.90 27.95
C ASN B 166 8.94 -22.02 29.19
N GLY B 167 9.33 -20.75 29.11
CA GLY B 167 9.13 -19.84 30.22
C GLY B 167 10.38 -19.51 31.01
N ASN B 168 11.34 -20.43 31.03
CA ASN B 168 12.61 -20.20 31.73
C ASN B 168 13.53 -19.47 30.75
N ILE B 169 13.27 -18.18 30.55
CA ILE B 169 14.01 -17.35 29.61
C ILE B 169 15.54 -17.41 29.70
N ARG B 170 16.17 -17.53 28.53
CA ARG B 170 17.62 -17.57 28.43
C ARG B 170 18.08 -16.50 27.45
N SER B 171 19.13 -15.77 27.84
CA SER B 171 19.68 -14.70 27.02
C SER B 171 20.45 -15.28 25.84
N ALA B 172 20.23 -14.72 24.66
CA ALA B 172 20.90 -15.19 23.45
C ALA B 172 21.03 -14.12 22.37
N ILE B 173 21.94 -14.36 21.44
CA ILE B 173 22.15 -13.45 20.33
C ILE B 173 22.51 -14.26 19.10
N THR B 174 21.96 -13.86 17.96
CA THR B 174 22.26 -14.54 16.71
C THR B 174 23.02 -13.57 15.83
N VAL B 175 24.23 -13.93 15.46
CA VAL B 175 25.08 -13.08 14.64
C VAL B 175 25.06 -13.45 13.17
N PHE B 176 24.52 -12.55 12.35
CA PHE B 176 24.45 -12.76 10.91
C PHE B 176 25.72 -12.22 10.24
N PRO B 177 25.90 -12.45 8.93
CA PRO B 177 27.09 -11.97 8.22
C PRO B 177 27.41 -10.47 8.38
N GLN B 178 28.68 -10.19 8.62
CA GLN B 178 29.15 -8.81 8.78
C GLN B 178 29.01 -8.03 7.47
N ARG B 179 28.91 -6.72 7.59
CA ARG B 179 28.80 -5.84 6.44
C ARG B 179 30.07 -5.95 5.60
N SER B 180 29.90 -6.11 4.29
CA SER B 180 31.04 -6.20 3.38
C SER B 180 31.27 -4.83 2.75
N ASP B 181 30.54 -4.51 1.70
CA ASP B 181 30.68 -3.22 1.03
C ASP B 181 29.52 -2.28 1.35
N GLY B 182 28.59 -2.76 2.18
CA GLY B 182 27.46 -1.96 2.56
C GLY B 182 26.29 -2.07 1.59
N LYS B 183 26.48 -2.82 0.51
CA LYS B 183 25.44 -3.01 -0.49
C LYS B 183 24.78 -4.38 -0.33
N HIS B 184 25.35 -5.22 0.53
CA HIS B 184 24.84 -6.57 0.77
C HIS B 184 24.53 -6.80 2.25
N ASP B 185 23.97 -5.80 2.90
CA ASP B 185 23.64 -5.87 4.32
C ASP B 185 22.51 -6.83 4.70
N PHE B 186 22.72 -7.54 5.79
CA PHE B 186 21.68 -8.41 6.33
C PHE B 186 20.99 -7.50 7.35
N ARG B 187 19.66 -7.40 7.28
CA ARG B 187 18.92 -6.54 8.19
C ARG B 187 17.56 -7.11 8.56
N LEU B 188 17.16 -6.92 9.81
CA LEU B 188 15.85 -7.31 10.26
C LEU B 188 15.15 -5.96 10.31
N TRP B 189 14.07 -5.81 9.56
CA TRP B 189 13.36 -4.54 9.53
C TRP B 189 12.55 -4.28 10.80
N ASN B 190 12.22 -5.35 11.51
CA ASN B 190 11.46 -5.25 12.76
C ASN B 190 12.31 -4.61 13.86
N SER B 191 11.67 -3.89 14.78
CA SER B 191 12.40 -3.30 15.89
C SER B 191 12.65 -4.41 16.91
N GLN B 192 11.69 -5.32 17.05
CA GLN B 192 11.79 -6.44 17.98
C GLN B 192 11.37 -7.74 17.28
N LEU B 193 11.87 -8.88 17.76
CA LEU B 193 11.49 -10.16 17.16
C LEU B 193 9.99 -10.41 17.34
N ILE B 194 9.47 -10.16 18.54
CA ILE B 194 8.05 -10.33 18.84
C ILE B 194 7.47 -8.96 19.14
N ARG B 195 6.39 -8.60 18.45
CA ARG B 195 5.72 -7.31 18.62
C ARG B 195 4.31 -7.42 18.03
N TYR B 196 3.37 -6.68 18.63
CA TYR B 196 1.99 -6.71 18.17
C TYR B 196 1.67 -5.64 17.13
N ALA B 197 0.72 -5.96 16.24
CA ALA B 197 0.30 -5.06 15.17
C ALA B 197 -0.65 -3.98 15.68
N GLY B 198 -0.75 -2.91 14.90
CA GLY B 198 -1.63 -1.79 15.20
C GLY B 198 -2.46 -1.53 13.96
N TYR B 199 -3.77 -1.38 14.13
CA TYR B 199 -4.65 -1.17 12.97
C TYR B 199 -5.51 0.08 13.08
N GLN B 200 -5.57 0.81 11.98
CA GLN B 200 -6.40 2.02 11.87
C GLN B 200 -7.75 1.51 11.37
N MET B 201 -8.66 1.22 12.29
CA MET B 201 -9.98 0.71 11.94
C MET B 201 -10.83 1.69 11.11
N PRO B 202 -11.82 1.16 10.37
CA PRO B 202 -12.72 1.95 9.52
C PRO B 202 -13.46 3.05 10.29
N ASP B 203 -13.90 2.75 11.51
CA ASP B 203 -14.60 3.73 12.33
C ASP B 203 -13.70 4.83 12.90
N GLY B 204 -12.40 4.72 12.63
CA GLY B 204 -11.45 5.72 13.13
C GLY B 204 -10.67 5.32 14.37
N THR B 205 -11.16 4.31 15.09
CA THR B 205 -10.47 3.87 16.31
C THR B 205 -9.22 3.08 15.96
N ILE B 206 -8.28 3.06 16.89
CA ILE B 206 -7.02 2.33 16.71
C ILE B 206 -7.13 1.01 17.47
N ARG B 207 -6.77 -0.09 16.80
CA ARG B 207 -6.82 -1.39 17.43
C ARG B 207 -5.41 -1.97 17.54
N GLY B 208 -5.10 -2.54 18.70
CA GLY B 208 -3.78 -3.11 18.90
C GLY B 208 -2.78 -2.09 19.42
N ASP B 209 -1.54 -2.21 18.96
CA ASP B 209 -0.45 -1.32 19.39
C ASP B 209 -0.35 -0.10 18.48
N ALA B 210 -0.85 1.03 18.95
CA ALA B 210 -0.83 2.27 18.19
C ALA B 210 0.56 2.66 17.67
N ALA B 211 1.60 2.21 18.35
CA ALA B 211 2.97 2.54 17.94
C ALA B 211 3.48 1.78 16.71
N THR B 212 2.78 0.73 16.30
CA THR B 212 3.20 -0.03 15.13
C THR B 212 2.30 0.14 13.91
N LEU B 213 1.54 1.23 13.87
CA LEU B 213 0.65 1.49 12.75
C LEU B 213 1.36 1.47 11.40
N GLU B 214 2.41 2.27 11.28
CA GLU B 214 3.16 2.38 10.04
C GLU B 214 3.83 1.06 9.64
N PHE B 215 4.48 0.40 10.59
CA PHE B 215 5.16 -0.86 10.30
C PHE B 215 4.16 -1.97 9.95
N THR B 216 3.00 -1.95 10.58
CA THR B 216 1.96 -2.94 10.31
C THR B 216 1.52 -2.76 8.86
N GLN B 217 1.33 -1.51 8.46
CA GLN B 217 0.91 -1.18 7.09
C GLN B 217 1.96 -1.69 6.10
N LEU B 218 3.24 -1.51 6.44
CA LEU B 218 4.32 -1.97 5.58
C LEU B 218 4.23 -3.47 5.35
N CYS B 219 3.93 -4.20 6.42
CA CYS B 219 3.80 -5.66 6.34
C CYS B 219 2.65 -6.00 5.42
N ILE B 220 1.54 -5.26 5.55
CA ILE B 220 0.35 -5.46 4.73
C ILE B 220 0.68 -5.20 3.26
N ASP B 221 1.46 -4.15 3.00
CA ASP B 221 1.87 -3.81 1.65
C ASP B 221 2.74 -4.91 1.04
N LEU B 222 3.47 -5.63 1.88
CA LEU B 222 4.34 -6.69 1.43
C LEU B 222 3.65 -8.05 1.33
N GLY B 223 2.33 -8.08 1.49
CA GLY B 223 1.60 -9.31 1.38
C GLY B 223 1.10 -9.99 2.65
N TRP B 224 1.49 -9.49 3.81
CA TRP B 224 1.03 -10.08 5.07
C TRP B 224 -0.47 -9.86 5.25
N LYS B 225 -1.15 -10.87 5.77
CA LYS B 225 -2.59 -10.78 5.98
C LYS B 225 -2.96 -10.20 7.35
N PRO B 226 -3.59 -9.02 7.36
CA PRO B 226 -4.00 -8.37 8.61
C PRO B 226 -5.13 -9.15 9.28
N ARG B 227 -5.01 -9.40 10.57
CA ARG B 227 -6.03 -10.15 11.30
C ARG B 227 -6.92 -9.27 12.17
N TYR B 228 -6.67 -7.97 12.12
CA TYR B 228 -7.44 -6.97 12.87
C TYR B 228 -7.74 -7.30 14.32
N GLY B 229 -6.74 -7.86 15.01
CA GLY B 229 -6.90 -8.19 16.40
C GLY B 229 -6.20 -7.17 17.26
N ARG B 230 -6.32 -7.33 18.57
CA ARG B 230 -5.71 -6.42 19.52
C ARG B 230 -4.26 -6.85 19.82
N PHE B 231 -3.99 -8.14 19.65
CA PHE B 231 -2.69 -8.72 19.92
C PHE B 231 -2.19 -9.67 18.82
N ASP B 232 -2.10 -9.15 17.59
CA ASP B 232 -1.61 -9.96 16.47
C ASP B 232 -0.11 -9.82 16.35
N VAL B 233 0.59 -10.94 16.49
CA VAL B 233 2.03 -10.96 16.37
C VAL B 233 2.42 -10.62 14.94
N LEU B 234 3.28 -9.61 14.81
CA LEU B 234 3.76 -9.14 13.51
C LEU B 234 4.72 -10.15 12.89
N PRO B 235 4.77 -10.18 11.55
CA PRO B 235 5.66 -11.10 10.87
C PRO B 235 7.08 -10.53 10.82
N LEU B 236 8.06 -11.39 10.58
CA LEU B 236 9.44 -10.97 10.45
C LEU B 236 9.62 -10.44 9.02
N VAL B 237 10.22 -9.25 8.90
CA VAL B 237 10.50 -8.64 7.61
C VAL B 237 12.02 -8.76 7.50
N LEU B 238 12.47 -9.74 6.73
CA LEU B 238 13.89 -10.00 6.59
C LEU B 238 14.59 -9.63 5.29
N GLN B 239 15.71 -8.93 5.45
CA GLN B 239 16.54 -8.48 4.35
C GLN B 239 17.84 -9.27 4.39
N ALA B 240 18.13 -10.00 3.31
CA ALA B 240 19.35 -10.79 3.23
C ALA B 240 20.19 -10.38 2.02
N ASP B 241 21.50 -10.24 2.23
CA ASP B 241 22.44 -9.89 1.17
C ASP B 241 22.00 -8.69 0.34
N GLY B 242 21.50 -7.66 1.02
CA GLY B 242 21.05 -6.45 0.35
C GLY B 242 19.78 -6.58 -0.46
N GLN B 243 19.27 -7.79 -0.60
CA GLN B 243 18.04 -8.03 -1.37
C GLN B 243 16.83 -7.40 -0.67
N ASP B 244 15.74 -7.23 -1.43
CA ASP B 244 14.50 -6.69 -0.89
C ASP B 244 14.00 -7.59 0.23
N PRO B 245 13.40 -7.00 1.27
CA PRO B 245 12.87 -7.74 2.42
C PRO B 245 11.74 -8.71 2.11
N GLU B 246 11.81 -9.89 2.74
CA GLU B 246 10.79 -10.91 2.57
C GLU B 246 10.04 -11.10 3.90
N VAL B 247 8.74 -11.29 3.80
CA VAL B 247 7.87 -11.45 4.97
C VAL B 247 7.74 -12.92 5.39
N PHE B 248 7.88 -13.17 6.69
CA PHE B 248 7.76 -14.51 7.24
C PHE B 248 6.94 -14.48 8.54
N GLU B 249 5.82 -15.21 8.56
CA GLU B 249 5.00 -15.27 9.76
C GLU B 249 5.70 -16.15 10.78
N ILE B 250 5.69 -15.72 12.05
CA ILE B 250 6.31 -16.49 13.10
C ILE B 250 5.35 -17.59 13.53
N PRO B 251 5.80 -18.86 13.53
CA PRO B 251 4.93 -19.97 13.93
C PRO B 251 4.43 -19.72 15.35
N PRO B 252 3.09 -19.63 15.52
CA PRO B 252 2.44 -19.39 16.81
C PRO B 252 2.93 -20.28 17.96
N ASP B 253 3.32 -21.51 17.65
CA ASP B 253 3.82 -22.42 18.69
C ASP B 253 5.11 -21.90 19.34
N LEU B 254 5.83 -21.03 18.64
CA LEU B 254 7.07 -20.47 19.16
C LEU B 254 6.89 -19.22 20.01
N VAL B 255 5.70 -18.61 19.94
CA VAL B 255 5.42 -17.39 20.70
C VAL B 255 4.71 -17.64 22.03
N LEU B 256 5.45 -17.58 23.12
CA LEU B 256 4.87 -17.77 24.44
C LEU B 256 4.29 -16.45 24.92
N GLU B 257 3.06 -16.51 25.45
CA GLU B 257 2.39 -15.32 25.94
C GLU B 257 1.88 -15.52 27.37
N VAL B 258 1.68 -14.42 28.07
CA VAL B 258 1.19 -14.46 29.45
C VAL B 258 -0.12 -13.69 29.52
N THR B 259 -1.17 -14.34 30.03
CA THR B 259 -2.47 -13.67 30.15
C THR B 259 -2.46 -12.90 31.48
N MET B 260 -2.89 -11.64 31.43
CA MET B 260 -2.89 -10.77 32.60
C MET B 260 -4.05 -10.96 33.59
N GLU B 261 -3.67 -11.23 34.83
CA GLU B 261 -4.61 -11.42 35.94
C GLU B 261 -4.09 -10.65 37.14
N HIS B 262 -5.00 -10.23 38.01
CA HIS B 262 -4.63 -9.52 39.21
C HIS B 262 -4.88 -10.46 40.39
N PRO B 263 -3.95 -10.50 41.36
CA PRO B 263 -4.09 -11.37 42.52
C PRO B 263 -5.30 -11.10 43.42
N LYS B 264 -5.91 -9.91 43.28
CA LYS B 264 -7.07 -9.56 44.10
C LYS B 264 -8.25 -9.12 43.25
N TYR B 265 -7.99 -8.36 42.19
CA TYR B 265 -9.06 -7.87 41.32
C TYR B 265 -9.44 -8.90 40.24
N GLU B 266 -10.54 -9.61 40.47
CA GLU B 266 -11.00 -10.62 39.51
C GLU B 266 -11.38 -9.98 38.18
N TRP B 267 -11.77 -8.71 38.21
CA TRP B 267 -12.17 -7.99 37.01
C TRP B 267 -10.99 -7.65 36.09
N PHE B 268 -9.77 -7.76 36.60
CA PHE B 268 -8.60 -7.43 35.78
C PHE B 268 -8.54 -8.32 34.56
N GLN B 269 -8.83 -9.60 34.76
CA GLN B 269 -8.84 -10.58 33.68
C GLN B 269 -9.85 -10.19 32.59
N GLU B 270 -10.91 -9.48 32.98
CA GLU B 270 -11.94 -9.04 32.05
C GLU B 270 -11.45 -8.01 31.04
N LEU B 271 -10.27 -7.44 31.30
CA LEU B 271 -9.68 -6.46 30.38
C LEU B 271 -9.16 -7.16 29.13
N GLY B 272 -9.00 -8.47 29.20
CA GLY B 272 -8.52 -9.25 28.08
C GLY B 272 -7.10 -8.95 27.64
N LEU B 273 -6.25 -8.58 28.60
CA LEU B 273 -4.86 -8.25 28.28
C LEU B 273 -3.91 -9.42 28.38
N LYS B 274 -2.87 -9.36 27.56
CA LYS B 274 -1.81 -10.36 27.55
C LYS B 274 -0.59 -9.70 26.92
N TRP B 275 0.56 -10.35 27.05
CA TRP B 275 1.78 -9.85 26.46
C TRP B 275 2.73 -11.01 26.19
N TYR B 276 3.67 -10.80 25.28
CA TYR B 276 4.64 -11.85 24.98
C TYR B 276 5.74 -11.93 26.05
N ALA B 277 6.26 -13.13 26.23
CA ALA B 277 7.28 -13.37 27.24
C ALA B 277 8.70 -13.03 26.82
N LEU B 278 8.93 -12.96 25.51
CA LEU B 278 10.27 -12.72 25.00
C LEU B 278 10.60 -11.32 24.50
N PRO B 279 11.48 -10.61 25.23
CA PRO B 279 11.90 -9.25 24.89
C PRO B 279 13.16 -9.36 24.04
N ALA B 280 13.04 -9.12 22.73
CA ALA B 280 14.19 -9.26 21.86
C ALA B 280 14.40 -8.09 20.91
N VAL B 281 15.55 -7.43 21.04
CA VAL B 281 15.91 -6.29 20.20
C VAL B 281 16.39 -6.88 18.88
N ALA B 282 15.79 -6.42 17.78
CA ALA B 282 16.11 -6.99 16.49
C ALA B 282 16.82 -6.14 15.45
N ASN B 283 16.82 -4.83 15.63
CA ASN B 283 17.39 -3.93 14.63
C ASN B 283 18.69 -3.20 14.94
N MET B 284 19.45 -3.64 15.94
CA MET B 284 20.69 -2.95 16.25
C MET B 284 21.90 -3.48 15.51
N LEU B 285 23.00 -2.73 15.54
CA LEU B 285 24.23 -3.11 14.87
C LEU B 285 25.35 -3.34 15.86
N LEU B 286 26.05 -4.47 15.72
CA LEU B 286 27.17 -4.80 16.58
C LEU B 286 28.47 -4.33 15.93
N GLU B 287 29.20 -3.46 16.63
CA GLU B 287 30.47 -2.95 16.15
C GLU B 287 31.55 -3.63 16.98
N VAL B 288 32.53 -4.20 16.30
CA VAL B 288 33.65 -4.85 16.98
C VAL B 288 34.89 -4.79 16.11
N GLY B 289 35.96 -4.23 16.68
CA GLY B 289 37.22 -4.11 15.97
C GLY B 289 37.14 -3.55 14.56
N GLY B 290 36.23 -2.62 14.33
CA GLY B 290 36.09 -2.04 13.01
C GLY B 290 35.06 -2.73 12.14
N LEU B 291 34.69 -3.95 12.51
CA LEU B 291 33.70 -4.70 11.77
C LEU B 291 32.29 -4.26 12.21
N GLU B 292 31.33 -4.41 11.30
CA GLU B 292 29.96 -4.04 11.59
C GLU B 292 29.01 -5.17 11.22
N PHE B 293 28.14 -5.54 12.15
CA PHE B 293 27.14 -6.60 11.93
C PHE B 293 25.76 -5.94 12.00
N PRO B 294 25.20 -5.56 10.83
CA PRO B 294 23.89 -4.91 10.73
C PRO B 294 22.72 -5.76 11.21
N ALA B 295 22.94 -7.05 11.40
CA ALA B 295 21.88 -7.95 11.85
C ALA B 295 22.41 -8.86 12.96
N CYS B 296 21.91 -8.64 14.17
CA CYS B 296 22.35 -9.39 15.34
C CYS B 296 21.28 -9.28 16.43
N PRO B 297 20.12 -9.93 16.24
CA PRO B 297 19.06 -9.87 17.23
C PRO B 297 19.48 -10.54 18.54
N PHE B 298 19.12 -9.92 19.66
CA PHE B 298 19.45 -10.46 20.95
C PHE B 298 18.28 -10.30 21.91
N ASN B 299 18.30 -11.06 23.00
CA ASN B 299 17.24 -10.98 23.97
C ASN B 299 17.74 -11.29 25.38
N GLY B 300 16.97 -10.83 26.35
CA GLY B 300 17.23 -11.09 27.75
C GLY B 300 15.85 -11.45 28.25
N TRP B 301 15.51 -11.07 29.48
CA TRP B 301 14.18 -11.31 30.00
C TRP B 301 13.60 -9.97 30.40
N TYR B 302 12.28 -9.91 30.55
CA TYR B 302 11.59 -8.68 30.89
C TYR B 302 11.76 -8.13 32.31
N MET B 303 11.63 -6.81 32.39
CA MET B 303 11.62 -6.11 33.67
C MET B 303 10.15 -5.67 33.65
N GLY B 304 9.43 -5.98 34.72
CA GLY B 304 8.00 -5.68 34.82
C GLY B 304 7.45 -4.37 34.27
N THR B 305 8.11 -3.27 34.62
CA THR B 305 7.70 -1.95 34.20
C THR B 305 7.62 -1.75 32.69
N GLU B 306 8.40 -2.51 31.92
CA GLU B 306 8.38 -2.39 30.47
C GLU B 306 6.97 -2.65 29.94
N ILE B 307 6.33 -3.65 30.53
CA ILE B 307 4.98 -4.02 30.15
C ILE B 307 3.95 -3.23 30.95
N GLY B 308 4.03 -3.33 32.27
CA GLY B 308 3.08 -2.65 33.12
C GLY B 308 2.99 -1.14 32.96
N VAL B 309 4.12 -0.50 32.70
CA VAL B 309 4.12 0.95 32.58
C VAL B 309 4.16 1.50 31.16
N ARG B 310 5.15 1.09 30.37
CA ARG B 310 5.28 1.61 29.02
C ARG B 310 4.24 1.05 28.05
N ASP B 311 4.22 -0.26 27.86
CA ASP B 311 3.28 -0.91 26.96
C ASP B 311 1.81 -0.64 27.30
N PHE B 312 1.45 -0.85 28.56
CA PHE B 312 0.09 -0.66 29.03
C PHE B 312 -0.34 0.77 29.37
N CYS B 313 0.57 1.56 29.94
CA CYS B 313 0.20 2.92 30.35
C CYS B 313 0.58 4.13 29.51
N ASP B 314 1.54 4.00 28.61
CA ASP B 314 1.88 5.13 27.74
C ASP B 314 0.61 5.47 26.92
N THR B 315 0.30 6.75 26.82
CA THR B 315 -0.89 7.18 26.08
C THR B 315 -0.85 6.78 24.61
N GLN B 316 0.34 6.77 24.02
CA GLN B 316 0.51 6.40 22.61
C GLN B 316 0.65 4.88 22.40
N ARG B 317 0.40 4.12 23.46
CA ARG B 317 0.48 2.66 23.39
C ARG B 317 -0.89 2.07 23.70
N TYR B 318 -0.98 1.09 24.59
CA TYR B 318 -2.27 0.50 24.91
C TYR B 318 -3.20 1.38 25.74
N ASN B 319 -2.63 2.42 26.35
CA ASN B 319 -3.38 3.41 27.12
C ASN B 319 -4.57 2.91 27.94
N ILE B 320 -4.30 2.00 28.88
CA ILE B 320 -5.35 1.41 29.71
C ILE B 320 -5.49 2.07 31.10
N LEU B 321 -4.73 3.13 31.34
CA LEU B 321 -4.73 3.80 32.64
C LEU B 321 -6.09 4.26 33.17
N GLU B 322 -6.81 5.02 32.37
CA GLU B 322 -8.12 5.51 32.79
C GLU B 322 -9.11 4.37 33.07
N GLU B 323 -9.13 3.37 32.19
CA GLU B 323 -9.99 2.20 32.34
C GLU B 323 -9.75 1.53 33.69
N VAL B 324 -8.49 1.27 34.00
CA VAL B 324 -8.12 0.63 35.26
C VAL B 324 -8.51 1.55 36.44
N GLY B 325 -8.34 2.85 36.24
CA GLY B 325 -8.69 3.82 37.26
C GLY B 325 -10.17 3.77 37.60
N ARG B 326 -11.02 3.68 36.58
CA ARG B 326 -12.46 3.62 36.76
C ARG B 326 -12.91 2.34 37.44
N ARG B 327 -12.32 1.22 37.06
CA ARG B 327 -12.67 -0.06 37.66
C ARG B 327 -12.25 -0.17 39.11
N MET B 328 -11.30 0.69 39.50
CA MET B 328 -10.82 0.73 40.88
C MET B 328 -11.66 1.70 41.69
N GLY B 329 -12.58 2.39 41.01
CA GLY B 329 -13.46 3.36 41.66
C GLY B 329 -12.74 4.62 42.12
N LEU B 330 -11.66 4.97 41.44
CA LEU B 330 -10.86 6.14 41.79
C LEU B 330 -11.40 7.43 41.17
N GLU B 331 -10.93 8.57 41.69
CA GLU B 331 -11.35 9.88 41.18
C GLU B 331 -10.53 10.21 39.94
N THR B 332 -10.84 9.53 38.84
CA THR B 332 -10.12 9.71 37.58
C THR B 332 -10.25 11.08 36.93
N HIS B 333 -11.04 11.95 37.54
CA HIS B 333 -11.23 13.30 37.01
C HIS B 333 -10.50 14.37 37.82
N THR B 334 -9.84 13.94 38.89
CA THR B 334 -9.09 14.85 39.75
C THR B 334 -7.64 14.38 39.78
N LEU B 335 -6.80 15.00 38.96
CA LEU B 335 -5.38 14.66 38.88
C LEU B 335 -4.72 14.60 40.24
N ALA B 336 -5.01 15.61 41.07
CA ALA B 336 -4.43 15.73 42.41
C ALA B 336 -4.70 14.56 43.35
N SER B 337 -5.70 13.73 43.01
CA SER B 337 -6.03 12.58 43.84
C SER B 337 -4.98 11.48 43.75
N LEU B 338 -4.09 11.57 42.77
CA LEU B 338 -3.03 10.58 42.56
C LEU B 338 -3.57 9.21 42.13
N TRP B 339 -4.75 9.20 41.52
CA TRP B 339 -5.37 7.97 41.05
C TRP B 339 -4.45 7.26 40.06
N LYS B 340 -3.75 8.02 39.23
CA LYS B 340 -2.82 7.44 38.25
C LYS B 340 -1.72 6.64 38.94
N ASP B 341 -1.20 7.16 40.06
CA ASP B 341 -0.17 6.47 40.81
C ASP B 341 -0.71 5.14 41.36
N ARG B 342 -1.95 5.15 41.82
CA ARG B 342 -2.58 3.94 42.36
C ARG B 342 -2.85 2.90 41.28
N ALA B 343 -3.33 3.36 40.13
CA ALA B 343 -3.65 2.46 39.02
C ALA B 343 -2.41 1.77 38.46
N VAL B 344 -1.39 2.55 38.12
CA VAL B 344 -0.17 2.00 37.53
C VAL B 344 0.47 0.94 38.41
N THR B 345 0.39 1.11 39.73
CA THR B 345 0.96 0.12 40.65
C THR B 345 0.22 -1.21 40.61
N GLU B 346 -1.11 -1.16 40.49
CA GLU B 346 -1.89 -2.40 40.43
C GLU B 346 -1.63 -3.15 39.13
N ILE B 347 -1.39 -2.39 38.05
CA ILE B 347 -1.09 -2.97 36.74
C ILE B 347 0.29 -3.65 36.82
N ASN B 348 1.25 -3.00 37.48
CA ASN B 348 2.59 -3.57 37.66
C ASN B 348 2.48 -4.85 38.48
N VAL B 349 1.61 -4.83 39.50
CA VAL B 349 1.41 -6.01 40.34
C VAL B 349 0.83 -7.15 39.49
N ALA B 350 -0.11 -6.80 38.60
CA ALA B 350 -0.76 -7.77 37.73
C ALA B 350 0.26 -8.43 36.81
N VAL B 351 1.12 -7.63 36.19
CA VAL B 351 2.15 -8.14 35.30
C VAL B 351 3.09 -9.11 36.01
N LEU B 352 3.64 -8.71 37.15
CA LEU B 352 4.54 -9.58 37.90
C LEU B 352 3.83 -10.85 38.36
N HIS B 353 2.62 -10.69 38.90
CA HIS B 353 1.83 -11.81 39.37
C HIS B 353 1.54 -12.83 38.25
N SER B 354 1.14 -12.33 37.08
CA SER B 354 0.82 -13.17 35.94
C SER B 354 2.03 -13.97 35.42
N PHE B 355 3.17 -13.30 35.28
CA PHE B 355 4.39 -13.97 34.81
C PHE B 355 4.82 -15.05 35.80
N GLN B 356 4.79 -14.71 37.08
CA GLN B 356 5.17 -15.64 38.13
C GLN B 356 4.26 -16.86 38.16
N LYS B 357 2.96 -16.61 38.09
CA LYS B 357 1.97 -17.68 38.13
C LYS B 357 2.13 -18.63 36.95
N GLN B 358 2.44 -18.08 35.78
CA GLN B 358 2.63 -18.89 34.58
C GLN B 358 4.05 -19.36 34.39
N ASN B 359 4.86 -19.25 35.45
CA ASN B 359 6.25 -19.68 35.45
C ASN B 359 7.12 -19.10 34.32
N VAL B 360 6.96 -17.81 34.06
CA VAL B 360 7.73 -17.13 33.03
C VAL B 360 8.65 -16.12 33.72
N THR B 361 9.94 -16.22 33.41
CA THR B 361 10.94 -15.34 34.00
C THR B 361 10.62 -13.86 33.82
N ILE B 362 10.75 -13.12 34.91
CA ILE B 362 10.53 -11.69 34.92
C ILE B 362 11.17 -11.13 36.20
N MET B 363 11.57 -9.87 36.16
CA MET B 363 12.17 -9.23 37.33
C MET B 363 11.53 -7.87 37.57
N ASP B 364 11.21 -7.58 38.82
CA ASP B 364 10.61 -6.29 39.18
C ASP B 364 11.70 -5.22 39.12
N HIS B 365 11.30 -3.97 38.97
CA HIS B 365 12.26 -2.87 38.87
C HIS B 365 13.12 -2.58 40.09
N HIS B 366 12.62 -2.88 41.28
CA HIS B 366 13.39 -2.64 42.51
C HIS B 366 14.57 -3.61 42.55
N THR B 367 14.28 -4.90 42.36
CA THR B 367 15.32 -5.93 42.37
C THR B 367 16.33 -5.66 41.26
N ALA B 368 15.84 -5.24 40.09
CA ALA B 368 16.71 -4.94 38.96
C ALA B 368 17.67 -3.79 39.29
N SER B 369 17.14 -2.72 39.88
CA SER B 369 17.96 -1.57 40.25
C SER B 369 19.07 -1.96 41.23
N GLU B 370 18.72 -2.76 42.23
CA GLU B 370 19.69 -3.22 43.21
C GLU B 370 20.72 -4.09 42.50
N SER B 371 20.26 -4.89 41.55
CA SER B 371 21.15 -5.77 40.79
C SER B 371 22.15 -4.92 40.00
N PHE B 372 21.67 -3.87 39.35
CA PHE B 372 22.56 -3.01 38.58
C PHE B 372 23.57 -2.28 39.47
N MET B 373 23.15 -1.86 40.66
CA MET B 373 24.03 -1.15 41.57
C MET B 373 25.19 -2.06 41.95
N LYS B 374 24.89 -3.33 42.17
CA LYS B 374 25.90 -4.32 42.52
C LYS B 374 26.86 -4.48 41.34
N HIS B 375 26.30 -4.58 40.13
CA HIS B 375 27.11 -4.73 38.92
C HIS B 375 28.02 -3.53 38.71
N MET B 376 27.47 -2.34 38.91
CA MET B 376 28.26 -1.12 38.74
C MET B 376 29.47 -1.14 39.69
N GLN B 377 29.26 -1.57 40.92
CA GLN B 377 30.36 -1.67 41.88
C GLN B 377 31.39 -2.69 41.42
N ASN B 378 30.93 -3.80 40.86
CA ASN B 378 31.83 -4.84 40.36
C ASN B 378 32.68 -4.27 39.23
N GLU B 379 32.05 -3.50 38.36
CA GLU B 379 32.72 -2.89 37.21
C GLU B 379 33.80 -1.88 37.57
N TYR B 380 33.53 -1.02 38.55
CA TYR B 380 34.53 -0.03 38.96
C TYR B 380 35.77 -0.70 39.54
N ARG B 381 35.57 -1.85 40.19
CA ARG B 381 36.67 -2.62 40.76
C ARG B 381 37.42 -3.37 39.65
N ALA B 382 36.67 -4.02 38.77
CA ALA B 382 37.25 -4.80 37.68
C ALA B 382 37.98 -3.96 36.62
N ARG B 383 37.38 -2.86 36.18
CA ARG B 383 38.00 -2.03 35.17
C ARG B 383 37.89 -0.51 35.31
N GLY B 384 37.60 -0.07 36.54
CA GLY B 384 37.51 1.35 36.82
C GLY B 384 36.47 2.16 36.08
N GLY B 385 35.28 1.59 35.90
CA GLY B 385 34.23 2.32 35.21
C GLY B 385 33.09 1.46 34.70
N CYS B 386 31.97 2.12 34.43
CA CYS B 386 30.76 1.47 33.90
C CYS B 386 29.93 2.52 33.20
N PRO B 387 29.97 2.56 31.87
CA PRO B 387 29.19 3.55 31.12
C PRO B 387 27.70 3.34 31.44
N ALA B 388 27.01 4.38 31.86
CA ALA B 388 25.61 4.24 32.22
C ALA B 388 24.81 5.48 31.87
N ASP B 389 23.64 5.25 31.29
CA ASP B 389 22.73 6.34 30.90
C ASP B 389 21.64 6.41 31.97
N TRP B 390 21.80 7.33 32.90
CA TRP B 390 20.87 7.56 34.01
C TRP B 390 19.41 7.64 33.52
N ILE B 391 19.18 8.43 32.48
CA ILE B 391 17.84 8.62 31.93
C ILE B 391 17.13 7.32 31.54
N TRP B 392 17.89 6.31 31.12
CA TRP B 392 17.29 5.03 30.75
C TRP B 392 17.32 4.00 31.88
N LEU B 393 18.33 4.11 32.75
CA LEU B 393 18.48 3.15 33.85
C LEU B 393 17.50 3.34 35.00
N VAL B 394 17.04 4.57 35.23
CA VAL B 394 16.05 4.81 36.28
C VAL B 394 14.68 4.36 35.72
N PRO B 395 14.00 3.43 36.41
CA PRO B 395 12.68 2.89 36.00
C PRO B 395 11.63 3.99 35.80
N PRO B 396 10.66 3.76 34.89
CA PRO B 396 9.59 4.73 34.58
C PRO B 396 8.64 5.07 35.73
N VAL B 397 8.77 4.35 36.84
CA VAL B 397 7.98 4.64 38.05
C VAL B 397 8.90 4.45 39.24
N SER B 398 8.56 5.15 40.33
CA SER B 398 9.29 5.05 41.59
C SER B 398 10.76 5.39 41.55
N GLY B 399 11.09 6.37 40.72
CA GLY B 399 12.46 6.80 40.55
C GLY B 399 13.36 6.84 41.78
N SER B 400 13.12 7.79 42.69
CA SER B 400 13.96 7.92 43.88
C SER B 400 13.83 6.79 44.90
N ILE B 401 12.83 5.93 44.72
CA ILE B 401 12.67 4.79 45.62
C ILE B 401 13.71 3.74 45.22
N THR B 402 14.26 3.85 44.01
CA THR B 402 15.27 2.89 43.56
C THR B 402 16.65 3.51 43.80
N PRO B 403 17.66 2.68 44.09
CA PRO B 403 19.01 3.19 44.34
C PRO B 403 19.73 3.84 43.16
N VAL B 404 19.43 3.43 41.93
CA VAL B 404 20.11 4.01 40.76
C VAL B 404 19.87 5.51 40.60
N PHE B 405 18.70 5.96 41.05
CA PHE B 405 18.31 7.36 40.97
C PHE B 405 19.33 8.25 41.70
N HIS B 406 19.83 7.77 42.84
CA HIS B 406 20.77 8.53 43.66
C HIS B 406 22.23 8.38 43.26
N GLN B 407 22.48 7.60 42.21
CA GLN B 407 23.83 7.35 41.73
C GLN B 407 24.23 8.22 40.53
N GLU B 408 25.32 8.97 40.68
CA GLU B 408 25.82 9.78 39.59
C GLU B 408 26.45 8.80 38.60
N MET B 409 26.24 9.05 37.32
CA MET B 409 26.74 8.18 36.27
C MET B 409 27.37 8.94 35.13
N LEU B 410 28.29 8.25 34.44
CA LEU B 410 28.99 8.82 33.31
C LEU B 410 28.58 8.02 32.07
N ASN B 411 28.04 8.70 31.07
CA ASN B 411 27.61 8.05 29.85
C ASN B 411 28.62 8.24 28.70
N TYR B 412 29.23 7.14 28.27
CA TYR B 412 30.19 7.20 27.16
C TYR B 412 30.14 5.95 26.31
N VAL B 413 30.63 6.06 25.08
CA VAL B 413 30.63 4.95 24.12
C VAL B 413 31.98 4.24 23.96
N LEU B 414 32.02 2.96 24.35
CA LEU B 414 33.22 2.15 24.22
C LEU B 414 33.11 1.28 22.96
N SER B 415 33.95 0.25 22.89
CA SER B 415 33.94 -0.67 21.76
C SER B 415 34.48 -2.00 22.26
N PRO B 416 33.81 -3.13 21.93
CA PRO B 416 32.60 -3.36 21.12
C PRO B 416 31.38 -2.60 21.62
N PHE B 417 30.39 -2.41 20.74
CA PHE B 417 29.21 -1.62 21.10
C PHE B 417 28.00 -1.92 20.21
N TYR B 418 26.79 -1.81 20.79
CA TYR B 418 25.55 -2.00 20.06
C TYR B 418 24.99 -0.63 19.69
N TYR B 419 24.99 -0.32 18.40
CA TYR B 419 24.50 0.96 17.92
C TYR B 419 23.11 0.85 17.32
N TYR B 420 22.46 1.99 17.19
CA TYR B 420 21.16 2.07 16.53
C TYR B 420 21.54 2.16 15.05
N GLN B 421 20.56 2.06 14.18
CA GLN B 421 20.79 2.18 12.74
C GLN B 421 19.70 3.07 12.16
N ILE B 422 19.90 3.54 10.94
CA ILE B 422 18.90 4.35 10.27
C ILE B 422 17.83 3.35 9.85
N GLU B 423 16.56 3.71 10.00
CA GLU B 423 15.44 2.85 9.62
C GLU B 423 15.68 2.39 8.18
N PRO B 424 15.77 1.06 7.98
CA PRO B 424 16.02 0.46 6.66
C PRO B 424 15.15 0.94 5.51
N TRP B 425 13.87 1.21 5.77
CA TRP B 425 12.97 1.68 4.71
C TRP B 425 13.32 3.08 4.21
N LYS B 426 14.14 3.80 4.97
CA LYS B 426 14.55 5.14 4.59
C LYS B 426 15.75 5.17 3.65
N THR B 427 16.50 4.08 3.60
CA THR B 427 17.70 4.03 2.76
C THR B 427 17.66 2.95 1.67
N HIS B 428 16.90 1.89 1.92
CA HIS B 428 16.80 0.79 0.97
C HIS B 428 16.28 1.18 -0.41
N ILE B 429 17.02 0.77 -1.44
CA ILE B 429 16.63 1.02 -2.82
C ILE B 429 16.04 -0.28 -3.34
N TRP B 430 14.72 -0.30 -3.51
CA TRP B 430 14.00 -1.47 -3.98
C TRP B 430 14.41 -1.92 -5.38
N GLN B 431 14.49 -3.22 -5.57
CA GLN B 431 14.85 -3.80 -6.88
C GLN B 431 13.66 -3.77 -7.83
N ASN B 432 12.60 -4.48 -7.46
CA ASN B 432 11.38 -4.55 -8.26
C ASN B 432 10.21 -5.08 -7.43
CHA HEM C . -20.77 1.61 -25.08
CHB HEM C . -25.15 3.65 -24.58
CHC HEM C . -23.31 7.80 -26.05
CHD HEM C . -19.17 5.61 -27.16
C1A HEM C . -22.09 1.83 -24.67
C2A HEM C . -22.88 0.93 -23.91
C3A HEM C . -24.13 1.48 -23.81
C4A HEM C . -24.09 2.75 -24.49
CMA HEM C . -25.34 0.82 -23.15
CAA HEM C . -22.42 -0.36 -23.26
CBA HEM C . -21.58 -0.11 -22.01
CGA HEM C . -20.98 -1.38 -21.44
O1A HEM C . -19.85 -1.32 -20.93
O2A HEM C . -21.63 -2.45 -21.49
C1B HEM C . -25.09 4.93 -25.08
C2B HEM C . -26.15 5.90 -24.96
C3B HEM C . -25.65 7.10 -25.34
C4B HEM C . -24.25 6.84 -25.71
CMB HEM C . -27.58 5.64 -24.42
CAB HEM C . -26.38 8.29 -25.26
CBB HEM C . -26.21 9.41 -26.03
C1C HEM C . -21.98 7.59 -26.39
C2C HEM C . -21.06 8.64 -26.76
C3C HEM C . -19.90 8.01 -27.17
C4C HEM C . -20.13 6.59 -26.99
CMC HEM C . -21.36 10.15 -26.61
CAC HEM C . -18.68 8.54 -27.65
CBC HEM C . -18.39 9.84 -28.06
C1D HEM C . -19.27 4.25 -26.82
C2D HEM C . -18.18 3.30 -26.88
C3D HEM C . -18.61 2.21 -26.23
C4D HEM C . -19.97 2.46 -25.82
CMD HEM C . -16.85 3.44 -27.58
CAD HEM C . -17.80 0.98 -25.90
CBD HEM C . -17.22 1.05 -24.50
CGD HEM C . -16.45 -0.20 -24.13
O1D HEM C . -16.24 -0.45 -22.92
O2D HEM C . -16.07 -0.96 -25.03
NA HEM C . -22.81 2.98 -25.00
NB HEM C . -23.93 5.51 -25.58
NC HEM C . -21.40 6.34 -26.51
ND HEM C . -20.37 3.73 -26.21
FE HEM C . -22.24 4.52 -26.13
N1 H4B D . -22.36 -6.52 -23.48
C2 H4B D . -22.15 -5.28 -23.01
N2 H4B D . -22.91 -4.27 -23.45
N3 H4B D . -21.20 -5.03 -22.09
C4 H4B D . -20.44 -6.00 -21.62
O4 H4B D . -19.54 -5.80 -20.79
C4A H4B D . -20.61 -7.33 -22.07
C8A H4B D . -21.63 -7.55 -23.04
N5 H4B D . -19.81 -8.33 -21.65
N8 H4B D . -21.86 -8.80 -23.49
C6 H4B D . -19.86 -9.61 -22.38
C7 H4B D . -21.16 -9.91 -22.98
C9 H4B D . -19.01 -10.73 -21.76
O9 H4B D . -19.74 -11.31 -20.69
C10 H4B D . -18.67 -11.83 -22.79
C11 H4B D . -17.83 -12.94 -22.16
O10 H4B D . -17.94 -11.24 -23.87
N NO E . -19.84 -8.50 -20.48
O NO E . -19.75 -8.14 -19.39
C1 AT2 F . -20.69 6.64 -23.10
C2 AT2 F . -21.70 5.77 -22.38
C3 AT2 F . -23.06 5.93 -22.64
C4 AT2 F . -24.00 5.12 -21.97
C6 AT2 F . -22.20 4.00 -20.79
C7 AT2 F . -21.27 4.81 -21.46
C9 AT2 F . -20.40 2.84 -19.53
C10 AT2 F . -19.97 3.92 -18.52
C11 AT2 F . -20.73 3.82 -17.19
N5 AT2 F . -23.58 4.15 -21.05
N8 AT2 F . -21.80 3.06 -19.89
N12 AT2 F . -20.56 2.49 -16.63
C13 AT2 F . -21.03 1.43 -17.52
C14 AT2 F . -20.27 1.50 -18.82
C15 AT2 F . -20.01 2.23 -15.43
O16 AT2 F . -19.62 3.18 -14.68
O17 AT2 F . -19.94 0.95 -15.12
C18 AT2 F . -19.38 0.62 -13.87
C19 AT2 F . -19.38 -0.90 -13.81
C1 GOL G . -35.44 14.96 -7.49
O1 GOL G . -34.07 15.24 -7.86
C2 GOL G . -36.38 16.05 -8.10
O2 GOL G . -37.76 15.73 -7.98
C3 GOL G . -36.10 16.30 -9.59
O3 GOL G . -35.31 17.44 -9.81
C1 EDO H . -30.75 7.05 -26.17
O1 EDO H . -30.75 5.78 -25.48
C2 EDO H . -29.97 6.90 -27.49
O2 EDO H . -30.63 5.91 -28.27
C1 EDO I . -20.22 -2.44 -17.49
O1 EDO I . -18.81 -2.72 -17.37
C2 EDO I . -20.93 -3.75 -17.86
O2 EDO I . -20.68 -4.67 -16.80
S SO4 J . -30.14 -10.08 -52.21
O1 SO4 J . -30.56 -11.45 -52.43
O2 SO4 J . -29.01 -10.07 -51.21
O3 SO4 J . -29.64 -9.39 -53.51
O4 SO4 J . -31.33 -9.24 -51.75
S SO4 K . -33.26 -15.55 -47.63
O1 SO4 K . -33.67 -14.20 -48.02
O2 SO4 K . -34.47 -16.31 -47.11
O3 SO4 K . -32.64 -16.35 -48.81
O4 SO4 K . -32.14 -15.48 -46.59
S SO4 L . -17.00 6.56 -44.46
O1 SO4 L . -18.43 6.47 -44.66
O2 SO4 L . -16.60 5.82 -43.21
O3 SO4 L . -16.19 5.96 -45.64
O4 SO4 L . -16.58 8.04 -44.42
CHA HEM M . 18.04 -2.23 27.13
CHB HEM M . 16.87 -5.32 30.67
CHC HEM M . 19.72 -8.55 28.66
CHD HEM M . 21.34 -5.30 25.49
C1A HEM M . 17.38 -2.83 28.19
C2A HEM M . 16.23 -2.28 28.85
C3A HEM M . 15.93 -3.11 29.86
C4A HEM M . 16.89 -4.21 29.81
CMA HEM M . 14.78 -2.94 30.86
CAA HEM M . 15.44 -1.05 28.46
CBA HEM M . 14.48 -1.34 27.29
CGA HEM M . 13.87 -0.07 26.72
O1A HEM M . 13.72 0.00 25.47
O2A HEM M . 13.55 0.85 27.48
C1B HEM M . 17.66 -6.45 30.55
C2B HEM M . 17.48 -7.64 31.33
C3B HEM M . 18.26 -8.60 30.78
C4B HEM M . 18.93 -7.97 29.62
CMB HEM M . 16.57 -7.79 32.55
CAB HEM M . 18.32 -9.91 31.30
CBB HEM M . 19.27 -10.89 31.06
C1C HEM M . 20.33 -7.99 27.54
C2C HEM M . 21.18 -8.72 26.62
C3C HEM M . 21.72 -7.77 25.76
C4C HEM M . 21.15 -6.50 26.16
CMC HEM M . 21.33 -10.25 26.61
CAC HEM M . 22.60 -7.94 24.69
CBC HEM M . 23.44 -9.01 24.43
C1D HEM M . 20.68 -4.10 25.72
C2D HEM M . 20.80 -2.93 24.92
C3D HEM M . 19.81 -2.08 25.34
C4D HEM M . 19.14 -2.74 26.43
CMD HEM M . 21.84 -2.61 23.84
CAD HEM M . 19.44 -0.75 24.72
CBD HEM M . 18.32 -0.96 23.70
CGD HEM M . 17.81 0.35 23.09
O1D HEM M . 16.70 0.34 22.53
O2D HEM M . 18.51 1.38 23.17
NA HEM M . 17.76 -4.05 28.76
NB HEM M . 18.58 -6.64 29.53
NC HEM M . 20.30 -6.65 27.23
ND HEM M . 19.68 -3.97 26.68
FE HEM M . 19.34 -5.20 28.29
N1 H4B N . 14.22 4.93 29.56
C2 H4B N . 14.13 3.71 29.02
N2 H4B N . 14.58 2.66 29.70
N3 H4B N . 13.58 3.51 27.80
C4 H4B N . 13.11 4.54 27.08
O4 H4B N . 12.62 4.39 25.95
C4A H4B N . 13.18 5.86 27.61
C8A H4B N . 13.76 6.01 28.90
N5 H4B N . 12.77 6.94 26.90
N8 H4B N . 13.83 7.23 29.49
C6 H4B N . 13.16 8.27 27.41
C7 H4B N . 13.29 8.36 28.86
C9 H4B N . 12.57 9.45 26.60
O9 H4B N . 11.23 9.67 27.02
C10 H4B N . 13.38 10.73 26.82
C11 H4B N . 12.81 11.91 26.03
O10 H4B N . 14.73 10.51 26.40
N NO O . 11.69 6.92 26.48
O NO O . 10.78 6.39 26.01
C1 AT2 P . 17.42 -7.36 25.45
C2 AT2 P . 16.28 -6.89 26.32
C3 AT2 P . 16.21 -7.32 27.64
C4 AT2 P . 15.14 -6.89 28.46
C6 AT2 P . 14.23 -5.61 26.62
C7 AT2 P . 15.30 -6.03 25.81
C9 AT2 P . 13.23 -4.29 24.78
C10 AT2 P . 12.66 -5.39 23.87
C11 AT2 P . 11.19 -5.70 24.17
N5 AT2 P . 14.16 -6.03 27.97
N8 AT2 P . 13.27 -4.78 26.14
N12 AT2 P . 10.40 -4.48 24.06
C13 AT2 P . 10.85 -3.43 24.97
C14 AT2 P . 12.29 -3.08 24.69
C15 AT2 P . 9.37 -4.30 23.20
O16 AT2 P . 9.02 -5.24 22.43
O17 AT2 P . 8.81 -3.11 23.24
C18 AT2 P . 7.74 -2.90 22.34
C19 AT2 P . 7.30 -1.45 22.55
C1 EDO Q . 9.82 1.62 25.96
O1 EDO Q . 8.80 2.41 25.34
C2 EDO Q . 10.04 0.38 25.08
O2 EDO Q . 10.45 0.85 23.80
C1 BOG R . 50.76 -7.52 25.44
O1 BOG R . 50.79 -6.81 24.21
C2 BOG R . 50.50 -6.54 26.59
O2 BOG R . 51.51 -5.56 26.62
C3 BOG R . 50.46 -7.31 27.90
O3 BOG R . 50.21 -6.43 28.96
C4 BOG R . 49.35 -8.34 27.81
O4 BOG R . 49.28 -9.09 29.01
C5 BOG R . 49.65 -9.29 26.65
O5 BOG R . 49.72 -8.52 25.43
C6 BOG R . 48.53 -10.32 26.52
O6 BOG R . 48.59 -10.97 25.27
C1' BOG R . 51.90 -7.14 23.36
C2' BOG R . 52.09 -6.00 22.38
C3' BOG R . 52.66 -6.49 21.07
C4' BOG R . 52.88 -5.37 20.07
C5' BOG R . 53.45 -5.91 18.77
C6' BOG R . 54.95 -6.17 18.90
C7' BOG R . 55.52 -6.72 17.59
C8' BOG R . 57.01 -6.97 17.71
S SO4 S . 31.68 15.02 49.28
O1 SO4 S . 31.85 15.30 47.85
O2 SO4 S . 32.32 13.70 49.62
O3 SO4 S . 32.31 16.13 50.18
O4 SO4 S . 30.20 15.06 49.63
S SO4 T . 37.98 11.24 46.90
O1 SO4 T . 37.42 11.49 45.57
O2 SO4 T . 37.42 9.94 47.46
O3 SO4 T . 39.52 11.14 46.88
O4 SO4 T . 37.67 12.43 47.80
#